data_6O6T
#
_entry.id   6O6T
#
_cell.length_a   104.371
_cell.length_b   163.271
_cell.length_c   111.016
_cell.angle_alpha   90.00
_cell.angle_beta   90.00
_cell.angle_gamma   90.00
#
_symmetry.space_group_name_H-M   'C 2 2 21'
#
loop_
_entity.id
_entity.type
_entity.pdbx_description
1 polymer Csm6
2 water water
#
_entity_poly.entity_id   1
_entity_poly.type   'polypeptide(L)'
_entity_poly.pdbx_seq_one_letter_code
;MGMKLLVVSWGDFERWKETKYRFGGETSVGPSTLPILQKVIKPDWTVIVLSDTIGKDFSSVETLREDVRNRVMDFLDRIG
AGREVDVIIAPGIGEFTHGSFRGSAMDAYYYVLHALSEIIPTKGDLEVHFDSTAGLNYVTLLTYRALKDLLGIAAVMNTV
TFYAYNSDPFVPKITKELNINTIETTMVKPTPLSEPLPGFDEYLCPYSMERAEFVRLKGSLNTLKNLRKEKKKLEAWIGS
LLFGLPLLFLEEFPDIGRLESYIEELAETWGGAIAVNAEEKAVTRRLAFGSGFGTLVKLLFQARITRGLLVEEPYSIEKL
YSVSDRLFRGSTLQRVRVELGKIEDKAIKYARKGAFPRDIPLRDFLGFDAANREVSPRNVLAHAGLEANVVEVSMEAWEP
KRPEEEAGRHTHLKYTPVGLKKVEDIVSRALKESHHHHHH
;
_entity_poly.pdbx_strand_id   A,B
#
# COMPACT_ATOMS: atom_id res chain seq x y z
N MET A 3 8.24 8.78 19.46
CA MET A 3 7.93 7.37 19.87
C MET A 3 8.63 6.39 18.92
N LYS A 4 9.49 5.51 19.46
CA LYS A 4 10.14 4.38 18.73
C LYS A 4 9.51 3.05 19.20
N LEU A 5 9.18 2.17 18.26
CA LEU A 5 8.49 0.87 18.52
C LEU A 5 9.31 -0.28 17.91
N LEU A 6 9.81 -1.20 18.75
CA LEU A 6 10.45 -2.46 18.31
C LEU A 6 9.43 -3.59 18.39
N VAL A 7 9.23 -4.32 17.28
CA VAL A 7 8.30 -5.47 17.16
C VAL A 7 9.08 -6.66 16.62
N VAL A 8 9.09 -7.78 17.36
CA VAL A 8 9.82 -9.03 16.98
C VAL A 8 8.81 -10.16 16.78
N SER A 9 8.91 -10.88 15.67
CA SER A 9 8.14 -12.12 15.35
C SER A 9 8.97 -13.33 15.78
N TRP A 10 8.46 -14.13 16.72
CA TRP A 10 9.21 -15.23 17.40
C TRP A 10 8.60 -16.58 17.06
N GLY A 11 9.47 -17.57 16.79
CA GLY A 11 9.12 -19.00 16.71
C GLY A 11 9.38 -19.69 18.03
N ASP A 12 9.71 -21.00 18.00
CA ASP A 12 10.00 -21.81 19.21
C ASP A 12 11.33 -21.33 19.80
N PHE A 13 11.26 -20.37 20.71
CA PHE A 13 12.41 -19.57 21.24
C PHE A 13 13.28 -20.43 22.16
N GLU A 14 12.73 -21.51 22.72
CA GLU A 14 13.46 -22.44 23.65
C GLU A 14 14.37 -23.38 22.85
N ARG A 15 14.10 -23.56 21.55
CA ARG A 15 14.83 -24.51 20.66
C ARG A 15 16.06 -23.83 20.01
N TRP A 16 16.24 -22.52 20.21
CA TRP A 16 17.34 -21.73 19.57
C TRP A 16 18.68 -22.06 20.23
N LYS A 17 19.75 -22.02 19.44
CA LYS A 17 21.16 -22.20 19.89
C LYS A 17 21.75 -20.82 20.22
N GLU A 18 22.70 -20.77 21.17
CA GLU A 18 23.51 -19.55 21.45
C GLU A 18 24.46 -19.31 20.27
N THR A 19 24.56 -18.06 19.82
CA THR A 19 25.43 -17.61 18.70
C THR A 19 25.85 -16.15 18.96
N LYS A 20 26.68 -15.58 18.08
CA LYS A 20 27.14 -14.17 18.16
C LYS A 20 26.37 -13.35 17.12
N TYR A 21 26.07 -12.09 17.44
CA TYR A 21 25.26 -11.16 16.61
C TYR A 21 25.99 -9.83 16.44
N ARG A 22 26.09 -9.35 15.20
CA ARG A 22 26.63 -8.01 14.83
C ARG A 22 25.44 -7.10 14.47
N PHE A 23 25.37 -5.90 15.05
CA PHE A 23 24.33 -4.88 14.73
C PHE A 23 24.81 -3.50 15.18
N GLY A 24 24.87 -2.54 14.24
CA GLY A 24 25.22 -1.13 14.47
C GLY A 24 26.54 -0.97 15.18
N GLY A 25 27.53 -1.82 14.84
CA GLY A 25 28.88 -1.81 15.42
C GLY A 25 28.99 -2.69 16.65
N GLU A 26 27.94 -2.73 17.48
CA GLU A 26 27.87 -3.54 18.73
C GLU A 26 27.85 -5.03 18.39
N THR A 27 28.34 -5.87 19.31
CA THR A 27 28.41 -7.35 19.20
C THR A 27 27.66 -7.96 20.39
N SER A 28 27.05 -9.13 20.19
CA SER A 28 26.13 -9.77 21.17
C SER A 28 26.26 -11.30 21.13
N VAL A 29 26.56 -11.91 22.29
CA VAL A 29 26.52 -13.39 22.51
C VAL A 29 25.20 -13.71 23.22
N GLY A 30 24.47 -14.72 22.72
CA GLY A 30 23.14 -15.11 23.23
C GLY A 30 22.32 -15.86 22.19
N PRO A 31 21.15 -16.42 22.57
CA PRO A 31 20.32 -17.20 21.65
C PRO A 31 19.30 -16.36 20.87
N SER A 32 19.20 -15.07 21.16
CA SER A 32 18.17 -14.14 20.62
C SER A 32 18.82 -12.83 20.16
N THR A 33 18.17 -12.14 19.22
CA THR A 33 18.61 -10.88 18.59
C THR A 33 18.14 -9.69 19.44
N LEU A 34 17.18 -9.91 20.33
CA LEU A 34 16.41 -8.83 21.03
C LEU A 34 17.34 -7.99 21.89
N PRO A 35 18.26 -8.56 22.70
CA PRO A 35 19.09 -7.77 23.60
C PRO A 35 19.95 -6.71 22.90
N ILE A 36 20.55 -7.04 21.76
CA ILE A 36 21.38 -6.11 20.94
C ILE A 36 20.46 -5.11 20.22
N LEU A 37 19.32 -5.58 19.69
CA LEU A 37 18.29 -4.72 19.03
C LEU A 37 17.89 -3.59 19.98
N GLN A 38 17.59 -3.92 21.24
CA GLN A 38 17.21 -2.95 22.30
C GLN A 38 18.40 -2.02 22.60
N LYS A 39 19.61 -2.58 22.73
CA LYS A 39 20.86 -1.82 23.03
C LYS A 39 21.07 -0.72 21.99
N VAL A 40 20.93 -1.05 20.71
CA VAL A 40 21.24 -0.17 19.55
C VAL A 40 20.07 0.79 19.31
N ILE A 41 18.85 0.25 19.14
CA ILE A 41 17.63 1.01 18.72
C ILE A 41 17.10 1.85 19.89
N LYS A 42 17.30 1.39 21.13
CA LYS A 42 16.76 2.02 22.38
C LYS A 42 15.27 2.32 22.20
N PRO A 43 14.43 1.29 21.96
CA PRO A 43 13.00 1.51 21.74
C PRO A 43 12.27 1.97 23.01
N ASP A 44 11.28 2.86 22.85
CA ASP A 44 10.41 3.38 23.93
C ASP A 44 9.49 2.25 24.42
N TRP A 45 9.17 1.30 23.54
CA TRP A 45 8.32 0.12 23.85
C TRP A 45 8.68 -1.04 22.92
N THR A 46 8.64 -2.27 23.44
CA THR A 46 8.94 -3.53 22.70
C THR A 46 7.68 -4.39 22.67
N VAL A 47 7.39 -5.02 21.52
CA VAL A 47 6.25 -5.94 21.32
C VAL A 47 6.80 -7.27 20.77
N ILE A 48 6.47 -8.39 21.41
CA ILE A 48 6.86 -9.76 20.97
C ILE A 48 5.61 -10.48 20.46
N VAL A 49 5.67 -11.00 19.24
CA VAL A 49 4.56 -11.73 18.56
C VAL A 49 5.02 -13.18 18.34
N LEU A 50 4.36 -14.14 19.01
CA LEU A 50 4.65 -15.60 18.89
C LEU A 50 3.33 -16.37 18.87
N SER A 51 3.39 -17.64 18.47
CA SER A 51 2.23 -18.53 18.18
C SER A 51 1.72 -19.20 19.47
N ASP A 52 0.43 -19.56 19.48
CA ASP A 52 -0.24 -20.35 20.55
C ASP A 52 0.44 -21.71 20.70
N THR A 53 0.91 -22.29 19.59
CA THR A 53 1.31 -23.70 19.44
C THR A 53 2.50 -24.05 20.35
N ILE A 54 3.06 -23.07 21.06
CA ILE A 54 4.21 -23.23 22.00
C ILE A 54 3.69 -23.61 23.39
N GLY A 55 2.44 -23.27 23.70
CA GLY A 55 1.76 -23.63 24.98
C GLY A 55 1.61 -25.14 25.12
N LYS A 56 1.81 -25.66 26.33
CA LYS A 56 1.85 -27.13 26.65
C LYS A 56 0.74 -27.50 27.65
N ASP A 57 -0.22 -26.62 27.89
CA ASP A 57 -1.29 -26.80 28.91
C ASP A 57 -2.66 -26.60 28.24
N PHE A 58 -3.58 -27.54 28.43
CA PHE A 58 -4.89 -27.62 27.73
C PHE A 58 -6.05 -27.73 28.74
N SER A 59 -5.80 -27.47 30.03
CA SER A 59 -6.82 -27.48 31.10
C SER A 59 -7.81 -26.32 30.88
N SER A 60 -7.33 -25.22 30.31
CA SER A 60 -8.11 -24.01 29.96
C SER A 60 -7.43 -23.24 28.82
N VAL A 61 -8.07 -22.18 28.31
CA VAL A 61 -7.52 -21.30 27.24
C VAL A 61 -6.62 -20.23 27.88
N GLU A 62 -6.95 -19.79 29.11
CA GLU A 62 -6.20 -18.73 29.83
C GLU A 62 -4.96 -19.33 30.53
N THR A 63 -5.02 -20.61 30.94
CA THR A 63 -3.87 -21.36 31.51
C THR A 63 -2.83 -21.56 30.39
N LEU A 64 -3.31 -21.75 29.16
CA LEU A 64 -2.49 -21.94 27.93
C LEU A 64 -1.68 -20.68 27.64
N ARG A 65 -2.25 -19.49 27.93
CA ARG A 65 -1.65 -18.17 27.61
C ARG A 65 -0.72 -17.72 28.74
N GLU A 66 -1.07 -17.97 30.00
CA GLU A 66 -0.21 -17.66 31.17
C GLU A 66 0.99 -18.61 31.17
N ASP A 67 0.85 -19.80 30.57
CA ASP A 67 1.96 -20.75 30.30
C ASP A 67 2.94 -20.07 29.34
N VAL A 68 2.46 -19.72 28.14
CA VAL A 68 3.29 -19.11 27.04
C VAL A 68 3.95 -17.83 27.56
N ARG A 69 3.19 -16.96 28.25
CA ARG A 69 3.69 -15.67 28.80
C ARG A 69 4.83 -15.94 29.79
N ASN A 70 4.61 -16.84 30.75
CA ASN A 70 5.61 -17.23 31.79
C ASN A 70 6.90 -17.69 31.09
N ARG A 71 6.77 -18.57 30.09
CA ARG A 71 7.90 -19.14 29.31
C ARG A 71 8.67 -17.99 28.65
N VAL A 72 7.94 -17.04 28.04
CA VAL A 72 8.50 -15.81 27.41
C VAL A 72 9.21 -14.97 28.48
N MET A 73 8.55 -14.75 29.63
CA MET A 73 9.07 -13.92 30.75
C MET A 73 10.38 -14.51 31.29
N ASP A 74 10.47 -15.85 31.38
CA ASP A 74 11.67 -16.59 31.85
C ASP A 74 12.83 -16.35 30.87
N PHE A 75 12.55 -16.41 29.57
CA PHE A 75 13.54 -16.24 28.47
C PHE A 75 14.12 -14.83 28.51
N LEU A 76 13.29 -13.81 28.76
CA LEU A 76 13.70 -12.38 28.84
C LEU A 76 14.61 -12.17 30.06
N ASP A 77 14.51 -13.05 31.07
CA ASP A 77 15.43 -13.10 32.24
C ASP A 77 16.73 -13.79 31.82
N ARG A 78 16.63 -14.92 31.12
CA ARG A 78 17.79 -15.73 30.65
C ARG A 78 18.73 -14.85 29.81
N ILE A 79 18.20 -14.27 28.73
CA ILE A 79 18.90 -13.24 27.90
C ILE A 79 18.78 -11.90 28.63
N GLY A 80 19.68 -10.95 28.36
CA GLY A 80 19.74 -9.67 29.08
C GLY A 80 18.66 -8.69 28.62
N ALA A 81 17.42 -9.17 28.47
CA ALA A 81 16.30 -8.42 27.84
C ALA A 81 15.48 -7.70 28.91
N GLY A 82 14.94 -6.52 28.56
CA GLY A 82 14.08 -5.70 29.43
C GLY A 82 12.72 -6.34 29.62
N ARG A 83 11.99 -5.93 30.67
CA ARG A 83 10.65 -6.51 30.95
C ARG A 83 9.55 -5.54 30.48
N GLU A 84 9.95 -4.41 29.91
CA GLU A 84 9.03 -3.37 29.41
C GLU A 84 8.54 -3.88 28.04
N VAL A 85 7.56 -4.77 28.05
CA VAL A 85 7.14 -5.37 26.77
C VAL A 85 5.67 -5.82 26.81
N ASP A 86 5.08 -5.93 25.64
CA ASP A 86 3.74 -6.55 25.40
C ASP A 86 3.95 -7.85 24.62
N VAL A 87 3.35 -8.94 25.08
CA VAL A 87 3.42 -10.28 24.42
C VAL A 87 2.06 -10.56 23.76
N ILE A 88 2.03 -10.59 22.42
CA ILE A 88 0.83 -10.98 21.62
C ILE A 88 0.94 -12.47 21.31
N ILE A 89 0.17 -13.29 22.02
CA ILE A 89 0.12 -14.77 21.87
C ILE A 89 -0.95 -15.07 20.82
N ALA A 90 -0.55 -15.17 19.55
CA ALA A 90 -1.44 -15.24 18.37
C ALA A 90 -1.98 -16.65 18.19
N PRO A 91 -3.25 -16.81 17.72
CA PRO A 91 -3.81 -18.13 17.43
C PRO A 91 -3.12 -18.85 16.25
N GLY A 92 -2.27 -19.83 16.57
CA GLY A 92 -1.52 -20.66 15.61
C GLY A 92 -2.22 -21.98 15.31
N ILE A 93 -1.75 -22.68 14.27
CA ILE A 93 -2.42 -23.87 13.65
C ILE A 93 -1.40 -25.01 13.53
N GLY A 94 -1.88 -26.26 13.49
CA GLY A 94 -1.08 -27.48 13.24
C GLY A 94 -1.12 -28.45 14.41
N GLU A 95 -0.90 -29.75 14.14
CA GLU A 95 -0.86 -30.83 15.15
C GLU A 95 0.59 -31.07 15.59
N PHE A 96 0.91 -30.81 16.87
CA PHE A 96 2.25 -30.95 17.48
C PHE A 96 2.27 -32.13 18.44
N THR A 97 3.46 -32.52 18.91
CA THR A 97 3.71 -33.65 19.84
C THR A 97 3.10 -33.34 21.21
N HIS A 98 3.28 -32.12 21.71
CA HIS A 98 2.82 -31.66 23.04
C HIS A 98 1.33 -31.29 23.02
N GLY A 99 0.73 -31.14 21.82
CA GLY A 99 -0.74 -30.96 21.67
C GLY A 99 -1.15 -30.47 20.29
N SER A 100 -2.45 -30.22 20.11
CA SER A 100 -3.11 -29.94 18.81
C SER A 100 -3.86 -28.59 18.87
N PHE A 101 -3.85 -27.83 17.77
CA PHE A 101 -4.53 -26.52 17.62
C PHE A 101 -5.14 -26.41 16.22
N ARG A 102 -6.47 -26.30 16.13
CA ARG A 102 -7.24 -26.20 14.86
C ARG A 102 -8.05 -24.88 14.86
N GLY A 103 -8.36 -24.37 13.68
CA GLY A 103 -9.03 -23.07 13.46
C GLY A 103 -8.73 -22.52 12.08
N SER A 104 -9.25 -21.34 11.76
CA SER A 104 -8.90 -20.57 10.53
C SER A 104 -7.47 -20.03 10.69
N ALA A 105 -6.64 -20.17 9.65
CA ALA A 105 -5.23 -19.73 9.63
C ALA A 105 -5.16 -18.19 9.69
N MET A 106 -6.18 -17.52 9.15
CA MET A 106 -6.24 -16.03 9.05
C MET A 106 -6.62 -15.40 10.40
N ASP A 107 -6.89 -16.21 11.43
CA ASP A 107 -7.18 -15.74 12.82
C ASP A 107 -5.98 -14.95 13.35
N ALA A 108 -4.76 -15.41 13.08
CA ALA A 108 -3.49 -14.80 13.55
C ALA A 108 -3.40 -13.35 13.06
N TYR A 109 -3.76 -13.09 11.80
CA TYR A 109 -3.75 -11.73 11.18
C TYR A 109 -4.68 -10.80 11.98
N TYR A 110 -5.95 -11.17 12.10
CA TYR A 110 -7.03 -10.34 12.73
C TYR A 110 -6.73 -10.15 14.22
N TYR A 111 -6.19 -11.17 14.88
CA TYR A 111 -5.82 -11.12 16.33
C TYR A 111 -4.67 -10.14 16.55
N VAL A 112 -3.63 -10.23 15.72
CA VAL A 112 -2.41 -9.37 15.80
C VAL A 112 -2.78 -7.94 15.43
N LEU A 113 -3.54 -7.76 14.33
CA LEU A 113 -4.08 -6.45 13.88
C LEU A 113 -4.78 -5.79 15.07
N HIS A 114 -5.77 -6.47 15.65
CA HIS A 114 -6.57 -6.00 16.81
C HIS A 114 -5.63 -5.63 17.97
N ALA A 115 -4.68 -6.51 18.29
CA ALA A 115 -3.74 -6.36 19.42
C ALA A 115 -2.87 -5.11 19.22
N LEU A 116 -2.25 -4.99 18.05
CA LEU A 116 -1.37 -3.84 17.67
C LEU A 116 -2.17 -2.54 17.66
N SER A 117 -3.44 -2.60 17.26
CA SER A 117 -4.37 -1.43 17.20
C SER A 117 -4.51 -0.80 18.60
N GLU A 118 -4.40 -1.60 19.66
CA GLU A 118 -4.55 -1.16 21.07
C GLU A 118 -3.18 -0.75 21.65
N ILE A 119 -2.09 -0.98 20.91
CA ILE A 119 -0.68 -0.77 21.38
C ILE A 119 -0.07 0.45 20.67
N ILE A 120 -0.04 0.46 19.32
CA ILE A 120 0.58 1.54 18.50
C ILE A 120 -0.05 2.87 18.91
N PRO A 121 0.74 3.86 19.39
CA PRO A 121 0.19 5.16 19.78
C PRO A 121 -0.54 5.89 18.63
N THR A 122 -1.65 6.55 18.97
CA THR A 122 -2.57 7.25 18.03
C THR A 122 -2.27 8.75 17.99
N LYS A 123 -1.29 9.22 18.76
CA LYS A 123 -0.76 10.61 18.74
C LYS A 123 0.77 10.56 18.56
N GLY A 124 1.35 11.60 17.95
CA GLY A 124 2.80 11.76 17.76
C GLY A 124 3.32 10.94 16.59
N ASP A 125 4.56 11.21 16.17
CA ASP A 125 5.26 10.49 15.08
C ASP A 125 5.66 9.10 15.56
N LEU A 126 5.89 8.16 14.63
CA LEU A 126 6.30 6.77 14.92
C LEU A 126 7.54 6.41 14.11
N GLU A 127 8.53 5.80 14.77
CA GLU A 127 9.65 5.07 14.14
C GLU A 127 9.52 3.60 14.55
N VAL A 128 9.17 2.72 13.61
CA VAL A 128 8.89 1.28 13.90
C VAL A 128 10.03 0.43 13.35
N HIS A 129 10.51 -0.52 14.17
CA HIS A 129 11.58 -1.49 13.85
C HIS A 129 10.99 -2.91 13.96
N PHE A 130 11.04 -3.69 12.88
CA PHE A 130 10.42 -5.04 12.79
C PHE A 130 11.50 -6.10 12.55
N ASP A 131 11.82 -6.87 13.59
CA ASP A 131 12.81 -7.96 13.58
C ASP A 131 12.11 -9.28 13.23
N SER A 132 12.22 -9.74 11.98
CA SER A 132 11.70 -11.04 11.48
C SER A 132 12.80 -12.11 11.56
N THR A 133 13.79 -11.88 12.43
CA THR A 133 15.12 -12.54 12.43
C THR A 133 14.96 -14.07 12.58
N ALA A 134 13.99 -14.52 13.38
CA ALA A 134 13.68 -15.96 13.56
C ALA A 134 12.25 -16.15 14.08
N GLY A 135 11.27 -15.66 13.31
CA GLY A 135 9.84 -16.00 13.46
C GLY A 135 9.46 -17.08 12.47
N LEU A 136 8.20 -17.52 12.49
CA LEU A 136 7.65 -18.48 11.49
C LEU A 136 7.28 -17.69 10.24
N ASN A 137 7.20 -18.36 9.09
CA ASN A 137 6.92 -17.74 7.76
C ASN A 137 5.58 -17.00 7.81
N TYR A 138 4.50 -17.73 8.12
CA TYR A 138 3.10 -17.26 7.95
C TYR A 138 2.73 -16.27 9.06
N VAL A 139 3.24 -16.46 10.28
CA VAL A 139 3.02 -15.52 11.43
C VAL A 139 3.76 -14.21 11.16
N THR A 140 4.97 -14.29 10.56
CA THR A 140 5.83 -13.12 10.23
C THR A 140 5.19 -12.32 9.08
N LEU A 141 4.68 -13.00 8.05
CA LEU A 141 3.99 -12.36 6.90
C LEU A 141 2.76 -11.59 7.41
N LEU A 142 1.96 -12.22 8.29
CA LEU A 142 0.67 -11.67 8.77
C LEU A 142 0.92 -10.56 9.82
N THR A 143 2.01 -10.65 10.59
CA THR A 143 2.45 -9.56 11.52
C THR A 143 2.91 -8.36 10.68
N TYR A 144 3.76 -8.60 9.68
CA TYR A 144 4.26 -7.57 8.72
C TYR A 144 3.06 -6.87 8.07
N ARG A 145 2.12 -7.65 7.55
CA ARG A 145 0.90 -7.17 6.84
C ARG A 145 0.11 -6.23 7.76
N ALA A 146 -0.15 -6.67 9.00
CA ALA A 146 -1.01 -5.97 9.99
C ALA A 146 -0.33 -4.69 10.47
N LEU A 147 0.99 -4.72 10.67
CA LEU A 147 1.83 -3.57 11.10
C LEU A 147 1.71 -2.47 10.02
N LYS A 148 1.99 -2.81 8.76
CA LYS A 148 1.90 -1.88 7.59
C LYS A 148 0.50 -1.28 7.47
N ASP A 149 -0.53 -2.14 7.51
CA ASP A 149 -1.96 -1.76 7.32
C ASP A 149 -2.32 -0.65 8.32
N LEU A 150 -1.86 -0.75 9.58
CA LEU A 150 -2.15 0.23 10.65
C LEU A 150 -1.25 1.46 10.51
N LEU A 151 0.05 1.27 10.25
CA LEU A 151 1.03 2.37 10.09
C LEU A 151 0.61 3.25 8.90
N GLY A 152 0.08 2.64 7.84
CA GLY A 152 -0.46 3.35 6.65
C GLY A 152 -1.57 4.31 7.04
N ILE A 153 -2.41 3.93 8.01
CA ILE A 153 -3.52 4.78 8.55
C ILE A 153 -2.92 5.83 9.48
N ALA A 154 -1.89 5.47 10.26
CA ALA A 154 -1.17 6.38 11.20
C ALA A 154 -0.52 7.53 10.43
N ALA A 155 -0.01 7.25 9.22
CA ALA A 155 0.78 8.20 8.38
C ALA A 155 -0.10 9.35 7.87
N VAL A 156 -1.43 9.19 7.90
CA VAL A 156 -2.43 10.23 7.49
C VAL A 156 -2.19 11.49 8.33
N MET A 157 -1.91 11.34 9.63
CA MET A 157 -1.87 12.44 10.62
C MET A 157 -0.44 12.70 11.13
N ASN A 158 0.48 11.75 10.96
CA ASN A 158 1.81 11.77 11.61
C ASN A 158 2.87 11.25 10.64
N THR A 159 4.15 11.56 10.89
CA THR A 159 5.31 10.99 10.15
C THR A 159 5.61 9.61 10.75
N VAL A 160 5.74 8.60 9.87
CA VAL A 160 5.92 7.17 10.25
C VAL A 160 7.06 6.60 9.39
N THR A 161 8.14 6.15 10.03
CA THR A 161 9.31 5.49 9.38
C THR A 161 9.37 4.03 9.84
N PHE A 162 9.53 3.11 8.89
CA PHE A 162 9.49 1.64 9.10
C PHE A 162 10.84 1.03 8.69
N TYR A 163 11.48 0.30 9.62
CA TYR A 163 12.70 -0.50 9.39
C TYR A 163 12.40 -1.98 9.68
N ALA A 164 12.82 -2.87 8.79
CA ALA A 164 12.69 -4.34 8.95
C ALA A 164 14.08 -4.98 8.93
N TYR A 165 14.29 -6.00 9.77
CA TYR A 165 15.59 -6.71 9.93
C TYR A 165 15.40 -8.22 9.74
N ASN A 166 16.46 -8.88 9.28
CA ASN A 166 16.60 -10.37 9.27
C ASN A 166 18.10 -10.70 9.31
N SER A 167 18.50 -11.68 10.11
CA SER A 167 19.92 -12.03 10.36
C SER A 167 20.44 -12.88 9.20
N ASP A 168 21.76 -13.07 9.16
CA ASP A 168 22.43 -14.08 8.30
C ASP A 168 21.87 -15.45 8.69
N PRO A 169 21.54 -16.29 7.69
CA PRO A 169 20.94 -17.59 7.94
C PRO A 169 21.93 -18.42 8.74
N PHE A 170 21.41 -19.29 9.61
CA PHE A 170 22.28 -20.09 10.50
C PHE A 170 22.35 -21.54 10.01
N VAL A 171 23.59 -21.97 9.84
CA VAL A 171 23.99 -23.36 9.45
C VAL A 171 24.87 -23.81 10.62
N PRO A 172 24.67 -25.02 11.17
CA PRO A 172 25.37 -25.37 12.41
C PRO A 172 26.91 -25.33 12.43
N LYS A 173 27.43 -24.77 13.53
CA LYS A 173 28.89 -24.72 13.84
C LYS A 173 29.62 -23.80 12.85
N ILE A 174 29.42 -24.02 11.55
CA ILE A 174 30.12 -23.17 10.55
C ILE A 174 30.01 -21.71 11.04
N THR A 175 28.80 -21.32 11.42
CA THR A 175 28.41 -20.01 12.00
C THR A 175 29.41 -19.62 13.10
N LYS A 176 29.84 -18.35 13.08
CA LYS A 176 30.70 -17.73 14.13
C LYS A 176 30.02 -16.47 14.66
N GLU A 177 29.62 -15.56 13.77
CA GLU A 177 28.83 -14.34 14.10
C GLU A 177 27.87 -14.00 12.96
N LEU A 178 26.56 -14.17 13.18
CA LEU A 178 25.48 -13.77 12.25
C LEU A 178 25.31 -12.24 12.31
N ASN A 179 25.36 -11.58 11.15
CA ASN A 179 25.10 -10.12 10.99
C ASN A 179 23.57 -9.92 10.93
N ILE A 180 23.04 -8.91 11.63
CA ILE A 180 21.59 -8.53 11.55
C ILE A 180 21.46 -7.43 10.48
N ASN A 181 20.84 -7.78 9.35
CA ASN A 181 20.75 -6.92 8.14
C ASN A 181 19.47 -6.10 8.18
N THR A 182 19.51 -4.88 7.63
CA THR A 182 18.32 -4.04 7.32
C THR A 182 17.82 -4.45 5.92
N ILE A 183 16.64 -5.09 5.85
CA ILE A 183 16.04 -5.61 4.59
C ILE A 183 14.97 -4.64 4.08
N GLU A 184 14.67 -3.59 4.83
CA GLU A 184 13.70 -2.52 4.45
C GLU A 184 13.93 -1.26 5.28
N THR A 185 13.92 -0.10 4.62
CA THR A 185 13.75 1.24 5.24
C THR A 185 12.75 2.01 4.38
N THR A 186 11.61 2.41 4.95
CA THR A 186 10.46 2.99 4.21
C THR A 186 9.89 4.18 5.00
N MET A 187 9.73 5.32 4.32
CA MET A 187 8.87 6.45 4.76
C MET A 187 7.43 6.08 4.40
N VAL A 188 6.63 5.70 5.39
CA VAL A 188 5.29 5.06 5.19
C VAL A 188 4.35 6.10 4.56
N LYS A 189 3.70 5.73 3.46
CA LYS A 189 2.74 6.59 2.71
C LYS A 189 1.44 6.69 3.51
N PRO A 190 0.76 7.86 3.50
CA PRO A 190 -0.61 7.96 4.01
C PRO A 190 -1.56 7.11 3.16
N THR A 191 -2.22 6.12 3.77
CA THR A 191 -3.23 5.25 3.13
C THR A 191 -4.48 5.20 4.01
N PRO A 192 -5.41 6.17 3.89
CA PRO A 192 -6.68 6.11 4.61
C PRO A 192 -7.48 4.89 4.16
N LEU A 193 -8.31 4.35 5.06
CA LEU A 193 -9.19 3.18 4.81
C LEU A 193 -9.97 3.44 3.52
N SER A 194 -9.93 2.49 2.58
CA SER A 194 -10.60 2.55 1.25
C SER A 194 -11.44 1.29 1.03
N GLU A 195 -11.87 0.64 2.12
CA GLU A 195 -12.78 -0.54 2.11
C GLU A 195 -14.16 -0.08 2.57
N PRO A 196 -15.27 -0.49 1.90
CA PRO A 196 -16.59 -0.41 2.52
C PRO A 196 -16.69 -1.49 3.59
N LEU A 197 -17.63 -1.35 4.53
CA LEU A 197 -17.97 -2.43 5.49
C LEU A 197 -18.63 -3.56 4.71
N PRO A 198 -18.22 -4.84 4.91
CA PRO A 198 -18.78 -5.94 4.13
C PRO A 198 -20.14 -6.41 4.68
N GLY A 199 -20.78 -7.35 3.97
CA GLY A 199 -22.03 -8.01 4.40
C GLY A 199 -21.84 -8.73 5.72
N PHE A 200 -22.94 -9.09 6.39
CA PHE A 200 -22.98 -9.53 7.81
C PHE A 200 -22.65 -11.03 7.90
N ASP A 201 -22.19 -11.63 6.79
CA ASP A 201 -21.59 -12.99 6.75
C ASP A 201 -20.09 -12.93 7.07
N GLU A 202 -19.48 -11.75 7.01
CA GLU A 202 -18.00 -11.58 6.87
C GLU A 202 -17.39 -10.90 8.11
N TYR A 203 -17.99 -11.07 9.29
CA TYR A 203 -17.47 -10.56 10.58
C TYR A 203 -17.03 -11.74 11.46
N LEU A 204 -17.92 -12.72 11.63
CA LEU A 204 -17.61 -14.04 12.26
C LEU A 204 -18.21 -15.14 11.40
N CYS A 205 -17.39 -16.14 11.06
CA CYS A 205 -17.78 -17.34 10.27
C CYS A 205 -17.51 -18.59 11.12
N PRO A 206 -18.32 -19.67 10.97
CA PRO A 206 -18.13 -20.88 11.76
C PRO A 206 -17.06 -21.79 11.14
N TYR A 207 -15.98 -22.07 11.88
CA TYR A 207 -14.92 -23.02 11.45
C TYR A 207 -15.39 -24.46 11.67
N SER A 208 -15.61 -24.84 12.93
CA SER A 208 -16.14 -26.15 13.35
C SER A 208 -17.29 -25.95 14.35
N MET A 209 -18.49 -25.68 13.83
CA MET A 209 -19.71 -25.39 14.63
C MET A 209 -20.95 -25.79 13.83
N GLU A 210 -21.90 -26.47 14.48
CA GLU A 210 -23.19 -26.91 13.87
C GLU A 210 -23.97 -25.67 13.45
N ARG A 211 -24.67 -25.75 12.31
CA ARG A 211 -25.32 -24.61 11.60
C ARG A 211 -26.15 -23.77 12.58
N ALA A 212 -26.99 -24.40 13.39
CA ALA A 212 -27.99 -23.75 14.28
C ALA A 212 -27.30 -23.02 15.44
N GLU A 213 -26.25 -23.62 16.03
CA GLU A 213 -25.48 -23.01 17.14
C GLU A 213 -24.84 -21.70 16.66
N PHE A 214 -24.30 -21.69 15.44
CA PHE A 214 -23.68 -20.50 14.80
C PHE A 214 -24.76 -19.43 14.57
N VAL A 215 -25.87 -19.81 13.92
CA VAL A 215 -27.03 -18.94 13.61
C VAL A 215 -27.50 -18.23 14.90
N ARG A 216 -27.46 -18.94 16.03
CA ARG A 216 -27.83 -18.40 17.37
C ARG A 216 -26.81 -17.34 17.80
N LEU A 217 -25.51 -17.66 17.71
CA LEU A 217 -24.40 -16.74 18.10
C LEU A 217 -24.46 -15.47 17.25
N LYS A 218 -24.51 -15.65 15.92
CA LYS A 218 -24.64 -14.56 14.92
C LYS A 218 -25.87 -13.70 15.25
N GLY A 219 -27.01 -14.36 15.54
CA GLY A 219 -28.30 -13.71 15.85
C GLY A 219 -28.30 -13.02 17.20
N SER A 220 -27.36 -13.37 18.09
CA SER A 220 -27.22 -12.80 19.46
C SER A 220 -26.40 -11.49 19.41
N LEU A 221 -25.70 -11.23 18.31
CA LEU A 221 -24.70 -10.11 18.20
C LEU A 221 -25.42 -8.76 18.03
N ASN A 222 -25.20 -7.84 18.96
CA ASN A 222 -25.67 -6.43 18.90
C ASN A 222 -24.96 -5.68 17.76
N THR A 223 -23.71 -6.01 17.49
CA THR A 223 -22.88 -5.39 16.41
C THR A 223 -23.66 -5.43 15.09
N LEU A 224 -23.92 -6.64 14.58
CA LEU A 224 -24.54 -6.88 13.25
C LEU A 224 -25.89 -6.16 13.15
N LYS A 225 -26.65 -6.11 14.25
CA LYS A 225 -27.97 -5.40 14.33
C LYS A 225 -27.75 -3.90 14.10
N ASN A 226 -26.86 -3.29 14.88
CA ASN A 226 -26.61 -1.83 14.90
C ASN A 226 -25.90 -1.39 13.61
N LEU A 227 -24.93 -2.19 13.14
CA LEU A 227 -24.06 -1.88 11.97
C LEU A 227 -24.93 -1.77 10.70
N ARG A 228 -25.96 -2.62 10.60
CA ARG A 228 -27.02 -2.61 9.54
C ARG A 228 -27.49 -1.16 9.27
N LYS A 229 -27.70 -0.38 10.34
CA LYS A 229 -28.33 0.97 10.31
C LYS A 229 -27.26 2.06 10.26
N GLU A 230 -26.04 1.76 10.70
CA GLU A 230 -24.91 2.74 10.84
C GLU A 230 -23.95 2.61 9.65
N LYS A 231 -24.05 1.51 8.89
CA LYS A 231 -23.13 1.12 7.78
C LYS A 231 -22.91 2.30 6.83
N LYS A 232 -23.99 2.98 6.42
CA LYS A 232 -23.97 4.04 5.38
C LYS A 232 -23.20 5.27 5.90
N LYS A 233 -23.46 5.69 7.14
CA LYS A 233 -22.82 6.86 7.80
C LYS A 233 -21.31 6.61 7.97
N LEU A 234 -20.93 5.40 8.38
CA LEU A 234 -19.51 5.00 8.59
C LEU A 234 -18.79 4.98 7.23
N GLU A 235 -19.45 4.49 6.18
CA GLU A 235 -18.91 4.44 4.80
C GLU A 235 -18.79 5.86 4.23
N ALA A 236 -19.74 6.75 4.57
CA ALA A 236 -19.71 8.19 4.21
C ALA A 236 -18.47 8.85 4.84
N TRP A 237 -18.13 8.47 6.09
CA TRP A 237 -16.95 8.98 6.82
C TRP A 237 -15.66 8.47 6.19
N ILE A 238 -15.58 7.17 5.90
CA ILE A 238 -14.42 6.54 5.20
C ILE A 238 -14.17 7.32 3.90
N GLY A 239 -15.22 7.51 3.09
CA GLY A 239 -15.17 8.24 1.81
C GLY A 239 -14.69 9.68 1.99
N SER A 240 -15.02 10.30 3.12
CA SER A 240 -14.67 11.72 3.44
C SER A 240 -13.15 11.89 3.45
N LEU A 241 -12.40 10.97 4.06
CA LEU A 241 -10.91 10.99 4.08
C LEU A 241 -10.37 10.68 2.69
N LEU A 242 -10.93 9.68 2.01
CA LEU A 242 -10.42 9.13 0.73
C LEU A 242 -10.58 10.16 -0.40
N PHE A 243 -11.73 10.87 -0.44
CA PHE A 243 -12.16 11.69 -1.60
C PHE A 243 -11.92 13.19 -1.37
N GLY A 244 -11.60 13.60 -0.14
CA GLY A 244 -11.27 15.01 0.20
C GLY A 244 -12.51 15.83 0.47
N LEU A 245 -13.34 15.37 1.41
CA LEU A 245 -14.66 15.99 1.77
C LEU A 245 -14.60 16.43 3.23
N PRO A 246 -14.02 17.61 3.55
CA PRO A 246 -13.72 17.98 4.93
C PRO A 246 -14.95 18.22 5.83
N LEU A 247 -16.06 18.68 5.26
CA LEU A 247 -17.31 18.94 6.02
C LEU A 247 -17.98 17.61 6.39
N LEU A 248 -17.96 16.63 5.47
CA LEU A 248 -18.54 15.28 5.71
C LEU A 248 -17.73 14.56 6.79
N PHE A 249 -16.41 14.75 6.81
CA PHE A 249 -15.48 14.21 7.84
C PHE A 249 -15.98 14.61 9.24
N LEU A 250 -16.28 15.89 9.43
CA LEU A 250 -16.73 16.45 10.74
C LEU A 250 -18.14 15.94 11.06
N GLU A 251 -19.10 16.15 10.16
CA GLU A 251 -20.54 15.83 10.38
C GLU A 251 -20.72 14.33 10.63
N GLU A 252 -19.92 13.48 9.97
CA GLU A 252 -20.06 12.00 10.03
C GLU A 252 -19.03 11.36 10.96
N PHE A 253 -18.32 12.15 11.78
CA PHE A 253 -17.26 11.60 12.67
C PHE A 253 -17.88 10.51 13.54
N PRO A 254 -17.35 9.27 13.50
CA PRO A 254 -17.97 8.14 14.20
C PRO A 254 -17.89 8.22 15.73
N ASP A 255 -18.81 7.51 16.39
CA ASP A 255 -18.83 7.30 17.87
C ASP A 255 -17.79 6.22 18.21
N ILE A 256 -16.65 6.63 18.77
CA ILE A 256 -15.50 5.75 19.13
C ILE A 256 -15.97 4.71 20.16
N GLY A 257 -16.82 5.12 21.11
CA GLY A 257 -17.42 4.23 22.13
C GLY A 257 -18.16 3.06 21.51
N ARG A 258 -18.95 3.30 20.46
CA ARG A 258 -19.77 2.26 19.78
C ARG A 258 -18.89 1.34 18.95
N LEU A 259 -17.87 1.88 18.26
CA LEU A 259 -16.90 1.08 17.47
C LEU A 259 -16.12 0.16 18.42
N GLU A 260 -15.62 0.71 19.53
CA GLU A 260 -14.96 -0.05 20.64
C GLU A 260 -15.87 -1.23 21.05
N SER A 261 -17.17 -0.95 21.20
CA SER A 261 -18.22 -1.89 21.67
C SER A 261 -18.36 -3.05 20.68
N TYR A 262 -18.42 -2.76 19.38
CA TYR A 262 -18.61 -3.73 18.28
C TYR A 262 -17.40 -4.68 18.22
N ILE A 263 -16.19 -4.13 18.31
CA ILE A 263 -14.90 -4.88 18.22
C ILE A 263 -14.75 -5.78 19.46
N GLU A 264 -15.07 -5.25 20.65
CA GLU A 264 -15.04 -6.00 21.93
C GLU A 264 -16.00 -7.19 21.84
N GLU A 265 -17.23 -6.97 21.35
CA GLU A 265 -18.29 -8.01 21.27
C GLU A 265 -17.85 -9.14 20.34
N LEU A 266 -17.35 -8.82 19.15
CA LEU A 266 -16.92 -9.82 18.13
C LEU A 266 -15.69 -10.58 18.66
N ALA A 267 -14.77 -9.88 19.34
CA ALA A 267 -13.52 -10.44 19.92
C ALA A 267 -13.86 -11.36 21.10
N GLU A 268 -14.85 -11.00 21.92
CA GLU A 268 -15.35 -11.80 23.07
C GLU A 268 -15.99 -13.09 22.55
N THR A 269 -16.94 -12.96 21.61
CA THR A 269 -17.67 -14.09 20.96
C THR A 269 -16.64 -15.09 20.44
N TRP A 270 -15.63 -14.60 19.71
CA TRP A 270 -14.52 -15.42 19.14
C TRP A 270 -13.81 -16.19 20.26
N GLY A 271 -13.30 -15.46 21.26
CA GLY A 271 -12.57 -16.02 22.42
C GLY A 271 -13.39 -17.06 23.17
N GLY A 272 -14.70 -16.82 23.31
CA GLY A 272 -15.63 -17.71 24.04
C GLY A 272 -15.91 -19.00 23.29
N ALA A 273 -15.77 -19.00 21.96
CA ALA A 273 -16.06 -20.13 21.05
C ALA A 273 -14.82 -21.01 20.85
N ILE A 274 -13.75 -20.79 21.63
CA ILE A 274 -12.53 -21.65 21.63
C ILE A 274 -12.76 -22.82 22.59
N ALA A 275 -12.89 -24.03 22.04
CA ALA A 275 -13.05 -25.30 22.78
C ALA A 275 -11.68 -25.89 23.08
N VAL A 276 -11.31 -25.94 24.37
CA VAL A 276 -9.99 -26.47 24.86
C VAL A 276 -10.25 -27.78 25.62
N ASN A 277 -9.93 -28.92 25.00
CA ASN A 277 -10.14 -30.29 25.56
C ASN A 277 -8.88 -30.71 26.32
N ALA A 278 -8.95 -30.77 27.64
CA ALA A 278 -7.81 -30.91 28.58
C ALA A 278 -7.16 -32.30 28.48
N GLU A 279 -7.98 -33.34 28.31
CA GLU A 279 -7.53 -34.77 28.27
C GLU A 279 -6.66 -34.98 27.02
N GLU A 280 -7.27 -34.89 25.84
CA GLU A 280 -6.66 -35.30 24.54
C GLU A 280 -5.86 -34.13 23.94
N LYS A 281 -5.57 -33.09 24.74
CA LYS A 281 -4.59 -32.02 24.42
C LYS A 281 -4.92 -31.40 23.06
N ALA A 282 -6.03 -30.64 23.00
CA ALA A 282 -6.64 -30.14 21.74
C ALA A 282 -7.29 -28.77 21.96
N VAL A 283 -7.03 -27.83 21.05
CA VAL A 283 -7.63 -26.47 20.99
C VAL A 283 -8.33 -26.31 19.64
N THR A 284 -9.66 -26.17 19.63
CA THR A 284 -10.48 -25.89 18.42
C THR A 284 -11.07 -24.48 18.54
N ARG A 285 -10.76 -23.60 17.58
CA ARG A 285 -11.33 -22.23 17.47
C ARG A 285 -12.53 -22.32 16.54
N ARG A 286 -13.71 -22.53 17.13
CA ARG A 286 -14.94 -22.98 16.43
C ARG A 286 -15.54 -21.82 15.63
N LEU A 287 -15.12 -20.58 15.94
CA LEU A 287 -15.40 -19.36 15.12
C LEU A 287 -14.10 -18.86 14.48
N ALA A 288 -14.21 -18.36 13.25
CA ALA A 288 -13.13 -17.64 12.52
C ALA A 288 -13.50 -16.15 12.42
N PHE A 289 -12.52 -15.26 12.54
CA PHE A 289 -12.66 -13.82 12.24
C PHE A 289 -12.87 -13.64 10.74
N GLY A 290 -13.72 -12.68 10.36
CA GLY A 290 -13.94 -12.28 8.96
C GLY A 290 -13.27 -10.94 8.66
N SER A 291 -13.25 -10.52 7.39
CA SER A 291 -12.67 -9.24 6.92
C SER A 291 -13.37 -8.06 7.59
N GLY A 292 -14.68 -8.19 7.85
CA GLY A 292 -15.51 -7.18 8.53
C GLY A 292 -14.97 -6.79 9.89
N PHE A 293 -14.39 -7.75 10.62
CA PHE A 293 -13.69 -7.52 11.91
C PHE A 293 -12.46 -6.63 11.65
N GLY A 294 -11.69 -6.96 10.61
CA GLY A 294 -10.48 -6.22 10.20
C GLY A 294 -10.79 -4.78 9.83
N THR A 295 -11.82 -4.57 9.01
CA THR A 295 -12.31 -3.23 8.57
C THR A 295 -12.68 -2.39 9.81
N LEU A 296 -13.39 -3.00 10.78
CA LEU A 296 -13.84 -2.32 12.03
C LEU A 296 -12.62 -1.87 12.86
N VAL A 297 -11.64 -2.76 13.03
CA VAL A 297 -10.37 -2.48 13.78
C VAL A 297 -9.66 -1.29 13.13
N LYS A 298 -9.59 -1.27 11.79
CA LYS A 298 -8.91 -0.20 11.00
C LYS A 298 -9.70 1.10 11.13
N LEU A 299 -11.03 1.04 11.04
CA LEU A 299 -11.95 2.19 11.12
C LEU A 299 -11.78 2.90 12.48
N LEU A 300 -11.79 2.15 13.59
CA LEU A 300 -11.60 2.70 14.96
C LEU A 300 -10.21 3.33 15.07
N PHE A 301 -9.17 2.67 14.53
CA PHE A 301 -7.77 3.17 14.56
C PHE A 301 -7.69 4.52 13.84
N GLN A 302 -8.27 4.60 12.63
CA GLN A 302 -8.32 5.83 11.81
C GLN A 302 -9.07 6.94 12.56
N ALA A 303 -10.18 6.59 13.24
CA ALA A 303 -10.99 7.51 14.07
C ALA A 303 -10.15 8.04 15.24
N ARG A 304 -9.45 7.14 15.96
CA ARG A 304 -8.53 7.50 17.06
C ARG A 304 -7.44 8.44 16.55
N ILE A 305 -6.86 8.10 15.40
CA ILE A 305 -5.75 8.85 14.73
C ILE A 305 -6.20 10.29 14.44
N THR A 306 -7.49 10.49 14.11
CA THR A 306 -8.04 11.76 13.58
C THR A 306 -9.00 12.45 14.56
N ARG A 307 -9.25 11.88 15.75
CA ARG A 307 -10.26 12.39 16.71
C ARG A 307 -9.89 13.81 17.18
N GLY A 308 -8.60 14.17 17.14
CA GLY A 308 -8.08 15.47 17.60
C GLY A 308 -8.58 16.64 16.77
N LEU A 309 -9.07 16.39 15.55
CA LEU A 309 -9.58 17.43 14.61
C LEU A 309 -11.06 17.75 14.88
N LEU A 310 -11.79 16.85 15.54
CA LEU A 310 -13.26 17.01 15.78
C LEU A 310 -13.50 18.23 16.68
N VAL A 311 -14.50 19.04 16.32
CA VAL A 311 -15.00 20.19 17.14
C VAL A 311 -16.53 20.14 17.16
N GLU A 312 -17.11 21.03 17.95
CA GLU A 312 -18.57 21.20 18.15
C GLU A 312 -19.18 21.72 16.86
N GLU A 313 -20.51 21.67 16.78
CA GLU A 313 -21.31 21.78 15.54
C GLU A 313 -21.17 23.02 14.67
N PRO A 314 -21.00 24.27 15.11
CA PRO A 314 -20.90 25.32 14.10
C PRO A 314 -19.57 25.07 13.36
N TYR A 315 -19.58 24.85 12.05
CA TYR A 315 -18.32 24.59 11.33
C TYR A 315 -17.94 25.79 10.47
N SER A 316 -16.84 26.46 10.81
CA SER A 316 -16.38 27.67 10.09
C SER A 316 -15.53 27.25 8.89
N ILE A 317 -15.42 28.11 7.87
CA ILE A 317 -14.55 27.88 6.68
C ILE A 317 -13.09 27.79 7.14
N GLU A 318 -12.71 28.62 8.13
CA GLU A 318 -11.35 28.61 8.74
C GLU A 318 -11.05 27.22 9.31
N LYS A 319 -12.03 26.61 9.99
CA LYS A 319 -11.89 25.26 10.61
C LYS A 319 -11.72 24.23 9.50
N LEU A 320 -12.54 24.30 8.45
CA LEU A 320 -12.49 23.38 7.28
C LEU A 320 -11.12 23.49 6.59
N TYR A 321 -10.53 24.69 6.56
CA TYR A 321 -9.15 24.95 6.04
C TYR A 321 -8.13 24.15 6.86
N SER A 322 -8.19 24.27 8.19
CA SER A 322 -7.18 23.70 9.14
C SER A 322 -7.31 22.16 9.18
N VAL A 323 -8.54 21.64 9.17
CA VAL A 323 -8.83 20.18 9.09
C VAL A 323 -8.25 19.64 7.77
N SER A 324 -8.52 20.33 6.66
CA SER A 324 -8.11 19.93 5.28
C SER A 324 -6.59 19.84 5.18
N ASP A 325 -5.88 20.81 5.77
CA ASP A 325 -4.39 20.92 5.68
C ASP A 325 -3.74 19.76 6.45
N ARG A 326 -4.44 19.14 7.40
CA ARG A 326 -3.94 17.94 8.14
C ARG A 326 -4.30 16.65 7.40
N LEU A 327 -5.52 16.53 6.87
CA LEU A 327 -6.09 15.27 6.33
C LEU A 327 -5.60 15.01 4.90
N PHE A 328 -5.40 16.06 4.10
CA PHE A 328 -5.29 15.98 2.62
C PHE A 328 -3.91 16.45 2.14
N ARG A 329 -3.55 16.07 0.91
CA ARG A 329 -2.24 16.31 0.26
C ARG A 329 -2.45 16.48 -1.25
N GLY A 330 -1.36 16.79 -1.97
CA GLY A 330 -1.31 16.90 -3.44
C GLY A 330 -2.49 17.70 -3.99
N SER A 331 -3.06 17.24 -5.11
CA SER A 331 -4.16 17.91 -5.86
C SER A 331 -5.45 17.92 -5.04
N THR A 332 -5.69 16.87 -4.24
CA THR A 332 -6.89 16.76 -3.35
C THR A 332 -6.93 18.00 -2.44
N LEU A 333 -5.87 18.22 -1.66
CA LEU A 333 -5.76 19.40 -0.73
C LEU A 333 -6.02 20.68 -1.50
N GLN A 334 -5.36 20.86 -2.65
CA GLN A 334 -5.37 22.13 -3.43
C GLN A 334 -6.79 22.39 -3.96
N ARG A 335 -7.53 21.35 -4.39
CA ARG A 335 -8.93 21.50 -4.86
C ARG A 335 -9.81 21.96 -3.69
N VAL A 336 -9.63 21.37 -2.50
CA VAL A 336 -10.45 21.68 -1.29
C VAL A 336 -10.25 23.17 -0.95
N ARG A 337 -9.01 23.66 -1.02
CA ARG A 337 -8.64 25.06 -0.67
C ARG A 337 -9.28 26.03 -1.69
N VAL A 338 -9.32 25.64 -2.97
CA VAL A 338 -9.95 26.43 -4.08
C VAL A 338 -11.46 26.55 -3.80
N GLU A 339 -12.12 25.44 -3.40
CA GLU A 339 -13.57 25.39 -3.12
C GLU A 339 -13.90 26.28 -1.91
N LEU A 340 -13.15 26.11 -0.80
CA LEU A 340 -13.31 26.96 0.42
C LEU A 340 -13.04 28.42 0.04
N GLY A 341 -12.06 28.67 -0.83
CA GLY A 341 -11.71 30.00 -1.36
C GLY A 341 -12.87 30.69 -2.04
N LYS A 342 -13.57 29.97 -2.93
CA LYS A 342 -14.74 30.48 -3.71
C LYS A 342 -15.83 30.94 -2.75
N ILE A 343 -16.12 30.14 -1.72
CA ILE A 343 -17.18 30.41 -0.71
C ILE A 343 -16.70 31.56 0.19
N GLU A 344 -15.42 31.52 0.60
CA GLU A 344 -14.79 32.56 1.45
C GLU A 344 -14.87 33.90 0.74
N ASP A 345 -14.39 33.96 -0.52
CA ASP A 345 -14.35 35.19 -1.36
C ASP A 345 -15.77 35.74 -1.53
N LYS A 346 -16.79 34.88 -1.59
CA LYS A 346 -18.21 35.30 -1.70
C LYS A 346 -18.65 35.94 -0.38
N ALA A 347 -18.24 35.36 0.75
CA ALA A 347 -18.53 35.86 2.12
C ALA A 347 -17.90 37.25 2.31
N ILE A 348 -16.71 37.48 1.76
CA ILE A 348 -15.96 38.77 1.85
C ILE A 348 -16.73 39.85 1.09
N LYS A 349 -17.27 39.51 -0.09
CA LYS A 349 -18.10 40.40 -0.95
C LYS A 349 -19.37 40.82 -0.18
N TYR A 350 -20.11 39.84 0.35
CA TYR A 350 -21.35 40.02 1.15
C TYR A 350 -21.07 40.97 2.33
N ALA A 351 -19.91 40.83 2.97
CA ALA A 351 -19.52 41.53 4.22
C ALA A 351 -19.26 43.02 3.95
N ARG A 352 -18.60 43.35 2.83
CA ARG A 352 -18.29 44.75 2.42
C ARG A 352 -19.58 45.53 2.16
N LYS A 353 -20.64 44.85 1.72
CA LYS A 353 -22.00 45.42 1.52
C LYS A 353 -22.75 45.50 2.86
N GLY A 354 -22.09 45.10 3.96
CA GLY A 354 -22.71 44.98 5.30
C GLY A 354 -23.85 43.99 5.32
N ALA A 355 -23.78 42.95 4.48
CA ALA A 355 -24.81 41.88 4.36
C ALA A 355 -24.28 40.58 4.98
N PHE A 356 -25.13 39.87 5.72
CA PHE A 356 -24.80 38.65 6.50
C PHE A 356 -25.96 37.67 6.41
N PRO A 357 -26.08 36.90 5.30
CA PRO A 357 -27.18 35.96 5.14
C PRO A 357 -27.06 34.79 6.12
N ARG A 358 -28.21 34.19 6.47
CA ARG A 358 -28.34 33.10 7.48
C ARG A 358 -29.23 31.99 6.94
N ASP A 359 -28.82 30.74 7.15
CA ASP A 359 -29.60 29.52 6.79
C ASP A 359 -30.04 29.63 5.33
N ILE A 360 -29.11 29.98 4.44
CA ILE A 360 -29.34 30.16 2.97
C ILE A 360 -28.65 29.02 2.23
N PRO A 361 -29.32 28.38 1.24
CA PRO A 361 -28.67 27.36 0.42
C PRO A 361 -27.44 27.92 -0.30
N LEU A 362 -26.37 27.12 -0.40
CA LEU A 362 -25.06 27.54 -0.99
C LEU A 362 -25.27 28.01 -2.43
N ARG A 363 -26.19 27.38 -3.17
CA ARG A 363 -26.58 27.78 -4.55
C ARG A 363 -27.02 29.25 -4.56
N ASP A 364 -27.87 29.64 -3.60
CA ASP A 364 -28.41 31.01 -3.47
C ASP A 364 -27.29 31.95 -2.98
N PHE A 365 -26.37 31.43 -2.16
CA PHE A 365 -25.20 32.17 -1.61
C PHE A 365 -24.22 32.49 -2.75
N LEU A 366 -24.01 31.55 -3.68
CA LEU A 366 -23.02 31.68 -4.78
C LEU A 366 -23.63 32.39 -5.98
N GLY A 367 -24.96 32.37 -6.11
CA GLY A 367 -25.70 33.04 -7.21
C GLY A 367 -25.75 32.17 -8.45
N PHE A 368 -26.32 30.97 -8.31
CA PHE A 368 -26.45 29.95 -9.39
C PHE A 368 -27.76 30.18 -10.17
N ASP A 369 -27.82 29.64 -11.39
CA ASP A 369 -29.05 29.53 -12.21
C ASP A 369 -30.05 28.63 -11.49
N ALA A 370 -31.25 28.46 -12.07
CA ALA A 370 -32.25 27.45 -11.67
C ALA A 370 -32.06 26.18 -12.50
N ALA A 371 -30.96 26.12 -13.26
CA ALA A 371 -30.63 25.05 -14.24
C ALA A 371 -30.59 23.69 -13.53
N ASN A 372 -29.60 23.47 -12.67
CA ASN A 372 -29.26 22.13 -12.09
C ASN A 372 -29.55 22.14 -10.58
N ARG A 373 -30.64 21.48 -10.18
CA ARG A 373 -31.03 21.22 -8.76
C ARG A 373 -30.69 19.77 -8.40
N GLU A 374 -30.74 18.85 -9.37
CA GLU A 374 -30.40 17.41 -9.17
C GLU A 374 -28.99 17.31 -8.60
N VAL A 375 -28.79 16.44 -7.60
CA VAL A 375 -27.50 16.21 -6.90
C VAL A 375 -26.80 15.02 -7.58
N SER A 376 -25.70 15.29 -8.27
CA SER A 376 -24.91 14.29 -9.04
C SER A 376 -23.67 13.89 -8.25
N PRO A 377 -23.21 12.62 -8.36
CA PRO A 377 -21.90 12.22 -7.84
C PRO A 377 -20.76 13.16 -8.29
N ARG A 378 -20.78 13.52 -9.58
CA ARG A 378 -19.79 14.38 -10.26
C ARG A 378 -19.54 15.65 -9.43
N ASN A 379 -20.58 16.39 -9.08
CA ASN A 379 -20.47 17.72 -8.41
C ASN A 379 -20.10 17.54 -6.93
N VAL A 380 -20.64 16.51 -6.26
CA VAL A 380 -20.35 16.22 -4.83
C VAL A 380 -18.86 15.90 -4.67
N LEU A 381 -18.29 15.07 -5.56
CA LEU A 381 -16.88 14.61 -5.48
C LEU A 381 -15.93 15.70 -6.02
N ALA A 382 -16.32 16.42 -7.07
CA ALA A 382 -15.47 17.43 -7.77
C ALA A 382 -15.35 18.71 -6.93
N HIS A 383 -16.33 19.01 -6.08
CA HIS A 383 -16.39 20.25 -5.26
C HIS A 383 -16.18 19.93 -3.77
N ALA A 384 -15.31 18.97 -3.47
CA ALA A 384 -14.88 18.59 -2.10
C ALA A 384 -16.11 18.41 -1.18
N GLY A 385 -17.22 17.87 -1.72
CA GLY A 385 -18.46 17.62 -0.95
C GLY A 385 -19.30 18.86 -0.75
N LEU A 386 -18.81 20.04 -1.15
CA LEU A 386 -19.48 21.35 -0.94
C LEU A 386 -20.35 21.67 -2.16
N GLU A 387 -21.29 20.78 -2.47
CA GLU A 387 -22.22 20.86 -3.63
C GLU A 387 -23.34 21.85 -3.27
N ALA A 388 -23.77 22.66 -4.24
CA ALA A 388 -24.58 23.89 -4.05
C ALA A 388 -26.00 23.56 -3.57
N ASN A 389 -26.50 22.35 -3.81
CA ASN A 389 -27.91 21.94 -3.56
C ASN A 389 -28.05 21.17 -2.23
N VAL A 390 -26.94 20.93 -1.52
CA VAL A 390 -26.92 20.08 -0.29
C VAL A 390 -26.31 20.82 0.90
N VAL A 391 -25.64 21.96 0.67
CA VAL A 391 -24.97 22.75 1.75
C VAL A 391 -25.79 24.01 2.05
N GLU A 392 -25.86 24.38 3.32
CA GLU A 392 -26.52 25.60 3.84
C GLU A 392 -25.45 26.49 4.48
N VAL A 393 -25.43 27.78 4.14
CA VAL A 393 -24.44 28.77 4.63
C VAL A 393 -25.11 29.66 5.69
N SER A 394 -24.35 30.08 6.69
CA SER A 394 -24.76 31.07 7.72
C SER A 394 -23.58 32.01 8.02
N MET A 395 -23.78 33.31 7.80
CA MET A 395 -22.78 34.37 8.12
C MET A 395 -23.17 35.05 9.43
N GLU A 396 -22.51 34.65 10.52
CA GLU A 396 -22.52 35.34 11.84
C GLU A 396 -22.28 36.83 11.61
N ALA A 397 -23.20 37.70 12.05
CA ALA A 397 -23.13 39.17 11.85
C ALA A 397 -21.98 39.74 12.68
N TRP A 398 -21.12 40.56 12.05
CA TRP A 398 -20.03 41.30 12.74
C TRP A 398 -19.83 42.66 12.06
N GLU A 399 -18.94 43.49 12.60
CA GLU A 399 -18.59 44.84 12.08
C GLU A 399 -17.23 44.75 11.39
N PRO A 400 -17.19 44.61 10.05
CA PRO A 400 -15.94 44.37 9.33
C PRO A 400 -15.03 45.60 9.31
N LYS A 401 -13.71 45.37 9.38
CA LYS A 401 -12.65 46.39 9.12
C LYS A 401 -11.65 45.81 8.10
N ARG A 402 -11.31 44.52 8.23
CA ARG A 402 -10.51 43.73 7.27
C ARG A 402 -11.23 42.41 7.00
N PRO A 403 -12.39 42.44 6.31
CA PRO A 403 -13.22 41.24 6.14
C PRO A 403 -12.56 40.07 5.40
N GLU A 404 -11.45 40.32 4.69
CA GLU A 404 -10.65 39.28 3.97
C GLU A 404 -10.13 38.23 4.96
N GLU A 405 -9.81 38.64 6.19
CA GLU A 405 -9.25 37.76 7.27
C GLU A 405 -10.36 37.34 8.24
N GLU A 406 -11.47 38.08 8.28
CA GLU A 406 -12.54 37.94 9.32
C GLU A 406 -13.64 36.98 8.85
N ALA A 407 -13.96 36.96 7.56
CA ALA A 407 -15.12 36.24 6.97
C ALA A 407 -15.02 34.73 7.24
N GLY A 408 -13.82 34.16 7.15
CA GLY A 408 -13.55 32.73 7.34
C GLY A 408 -14.07 32.20 8.66
N ARG A 409 -13.87 32.96 9.75
CA ARG A 409 -14.25 32.57 11.14
C ARG A 409 -15.76 32.72 11.33
N HIS A 410 -16.40 33.65 10.62
CA HIS A 410 -17.81 34.06 10.83
C HIS A 410 -18.76 33.36 9.83
N THR A 411 -18.23 32.75 8.76
CA THR A 411 -19.03 31.98 7.78
C THR A 411 -18.99 30.49 8.15
N HIS A 412 -20.16 29.89 8.37
CA HIS A 412 -20.33 28.47 8.79
C HIS A 412 -21.05 27.69 7.69
N LEU A 413 -20.60 26.45 7.42
CA LEU A 413 -21.22 25.52 6.45
C LEU A 413 -21.80 24.33 7.22
N LYS A 414 -22.91 23.79 6.73
CA LYS A 414 -23.50 22.52 7.23
C LYS A 414 -24.35 21.91 6.11
N TYR A 415 -24.44 20.59 6.06
CA TYR A 415 -25.33 19.82 5.16
C TYR A 415 -26.77 19.97 5.65
N THR A 416 -27.72 20.20 4.75
CA THR A 416 -29.18 20.15 5.04
C THR A 416 -29.50 18.69 5.41
N PRO A 417 -30.57 18.42 6.20
CA PRO A 417 -30.89 17.05 6.58
C PRO A 417 -31.14 16.16 5.35
N VAL A 418 -31.79 16.72 4.30
CA VAL A 418 -32.00 16.06 2.98
C VAL A 418 -30.65 15.97 2.26
N GLY A 419 -29.89 17.06 2.26
CA GLY A 419 -28.57 17.16 1.61
C GLY A 419 -27.62 16.06 2.08
N LEU A 420 -27.54 15.84 3.40
CA LEU A 420 -26.59 14.89 4.03
C LEU A 420 -26.87 13.46 3.56
N LYS A 421 -28.15 13.06 3.51
CA LYS A 421 -28.56 11.68 3.11
C LYS A 421 -28.17 11.44 1.65
N LYS A 422 -28.30 12.44 0.79
CA LYS A 422 -27.95 12.38 -0.65
C LYS A 422 -26.43 12.21 -0.80
N VAL A 423 -25.63 12.92 0.00
CA VAL A 423 -24.14 12.88 -0.04
C VAL A 423 -23.68 11.50 0.49
N GLU A 424 -24.33 11.00 1.55
CA GLU A 424 -24.05 9.65 2.15
C GLU A 424 -24.22 8.58 1.07
N ASP A 425 -25.33 8.62 0.33
CA ASP A 425 -25.66 7.65 -0.76
C ASP A 425 -24.54 7.65 -1.80
N ILE A 426 -24.22 8.84 -2.34
CA ILE A 426 -23.22 9.05 -3.43
C ILE A 426 -21.84 8.57 -2.97
N VAL A 427 -21.39 9.02 -1.79
CA VAL A 427 -20.01 8.76 -1.27
C VAL A 427 -19.91 7.28 -0.88
N SER A 428 -20.92 6.74 -0.19
CA SER A 428 -21.05 5.30 0.14
C SER A 428 -20.96 4.48 -1.15
N ARG A 429 -21.75 4.85 -2.16
CA ARG A 429 -21.81 4.16 -3.48
C ARG A 429 -20.45 4.27 -4.18
N ALA A 430 -19.78 5.42 -4.09
CA ALA A 430 -18.47 5.70 -4.72
C ALA A 430 -17.37 4.88 -4.04
N LEU A 431 -17.46 4.70 -2.71
CA LEU A 431 -16.50 3.90 -1.90
C LEU A 431 -16.59 2.42 -2.31
N LYS A 432 -17.81 1.93 -2.59
CA LYS A 432 -18.10 0.51 -2.93
C LYS A 432 -17.73 0.24 -4.40
N GLU A 433 -17.80 1.25 -5.25
CA GLU A 433 -17.54 1.14 -6.73
C GLU A 433 -16.02 1.17 -6.99
N SER A 434 -15.25 1.82 -6.12
CA SER A 434 -13.77 1.94 -6.23
C SER A 434 -13.09 0.65 -5.76
N HIS A 435 -13.73 -0.11 -4.86
CA HIS A 435 -13.25 -1.42 -4.34
C HIS A 435 -13.40 -2.48 -5.43
N MET B 3 -6.07 -13.64 -16.82
CA MET B 3 -4.80 -14.42 -16.77
C MET B 3 -4.43 -14.71 -15.31
N LYS B 4 -4.16 -15.97 -14.99
CA LYS B 4 -3.81 -16.45 -13.63
C LYS B 4 -2.30 -16.70 -13.51
N LEU B 5 -1.71 -16.34 -12.36
CA LEU B 5 -0.24 -16.44 -12.11
C LEU B 5 -0.01 -17.07 -10.73
N LEU B 6 0.92 -18.03 -10.66
CA LEU B 6 1.34 -18.74 -9.43
C LEU B 6 2.81 -18.41 -9.14
N VAL B 7 3.12 -17.98 -7.91
CA VAL B 7 4.51 -17.69 -7.43
C VAL B 7 4.73 -18.43 -6.11
N VAL B 8 5.94 -18.97 -5.92
CA VAL B 8 6.33 -19.76 -4.70
C VAL B 8 7.74 -19.36 -4.28
N SER B 9 7.99 -19.31 -2.96
CA SER B 9 9.30 -19.01 -2.33
C SER B 9 9.94 -20.32 -1.85
N TRP B 10 11.10 -20.69 -2.40
CA TRP B 10 11.77 -22.01 -2.19
C TRP B 10 13.11 -21.83 -1.47
N GLY B 11 13.32 -22.58 -0.38
CA GLY B 11 14.63 -22.76 0.27
C GLY B 11 15.39 -23.93 -0.36
N ASP B 12 15.95 -24.82 0.47
CA ASP B 12 16.63 -26.07 0.01
C ASP B 12 15.55 -27.13 -0.26
N PHE B 13 15.16 -27.26 -1.53
CA PHE B 13 14.01 -28.08 -2.01
C PHE B 13 14.35 -29.56 -2.01
N GLU B 14 15.63 -29.91 -1.87
CA GLU B 14 16.14 -31.31 -1.89
C GLU B 14 15.88 -31.99 -0.53
N ARG B 15 16.15 -31.28 0.58
CA ARG B 15 16.04 -31.83 1.96
C ARG B 15 14.58 -31.91 2.41
N TRP B 16 13.61 -31.84 1.48
CA TRP B 16 12.16 -31.95 1.79
C TRP B 16 11.74 -33.42 1.78
N LYS B 17 11.08 -33.87 2.85
CA LYS B 17 10.55 -35.25 3.00
C LYS B 17 9.21 -35.35 2.26
N GLU B 18 8.88 -36.55 1.77
CA GLU B 18 7.55 -36.86 1.15
C GLU B 18 6.46 -36.66 2.21
N THR B 19 5.39 -35.95 1.87
CA THR B 19 4.14 -35.85 2.66
C THR B 19 2.97 -35.64 1.71
N LYS B 20 1.73 -35.87 2.16
CA LYS B 20 0.51 -35.56 1.37
C LYS B 20 -0.02 -34.18 1.79
N TYR B 21 -0.70 -33.50 0.87
CA TYR B 21 -1.24 -32.12 1.02
C TYR B 21 -2.71 -32.09 0.61
N ARG B 22 -3.55 -31.46 1.43
CA ARG B 22 -4.99 -31.18 1.12
C ARG B 22 -5.12 -29.72 0.70
N PHE B 23 -5.85 -29.46 -0.40
CA PHE B 23 -6.11 -28.10 -0.94
C PHE B 23 -7.27 -28.13 -1.94
N GLY B 24 -8.35 -27.40 -1.64
CA GLY B 24 -9.49 -27.14 -2.54
C GLY B 24 -10.11 -28.42 -3.08
N GLY B 25 -10.60 -29.29 -2.18
CA GLY B 25 -11.25 -30.57 -2.53
C GLY B 25 -10.35 -31.47 -3.35
N GLU B 26 -9.05 -31.51 -3.03
CA GLU B 26 -8.04 -32.36 -3.70
C GLU B 26 -7.01 -32.84 -2.67
N THR B 27 -6.25 -33.89 -3.01
CA THR B 27 -5.14 -34.46 -2.20
C THR B 27 -3.99 -34.83 -3.14
N SER B 28 -2.75 -34.82 -2.63
CA SER B 28 -1.51 -35.10 -3.39
C SER B 28 -0.41 -35.55 -2.45
N VAL B 29 0.51 -36.39 -2.93
CA VAL B 29 1.65 -36.97 -2.15
C VAL B 29 2.96 -36.60 -2.87
N GLY B 30 3.92 -36.02 -2.14
CA GLY B 30 5.21 -35.57 -2.69
C GLY B 30 5.95 -34.65 -1.73
N PRO B 31 7.11 -34.07 -2.15
CA PRO B 31 7.94 -33.25 -1.27
C PRO B 31 7.60 -31.74 -1.24
N SER B 32 6.87 -31.24 -2.24
CA SER B 32 6.46 -29.80 -2.34
C SER B 32 4.98 -29.69 -2.69
N THR B 33 4.43 -28.48 -2.55
CA THR B 33 2.99 -28.16 -2.70
C THR B 33 2.67 -27.78 -4.15
N LEU B 34 3.69 -27.66 -5.01
CA LEU B 34 3.59 -27.05 -6.36
C LEU B 34 2.63 -27.84 -7.24
N PRO B 35 2.73 -29.19 -7.34
CA PRO B 35 1.79 -29.96 -8.16
C PRO B 35 0.30 -29.77 -7.83
N ILE B 36 -0.08 -29.86 -6.55
CA ILE B 36 -1.51 -29.72 -6.11
C ILE B 36 -1.95 -28.26 -6.26
N LEU B 37 -1.08 -27.30 -5.94
CA LEU B 37 -1.31 -25.85 -6.19
C LEU B 37 -1.64 -25.67 -7.68
N GLN B 38 -0.77 -26.18 -8.56
CA GLN B 38 -0.94 -26.15 -10.04
C GLN B 38 -2.23 -26.88 -10.42
N LYS B 39 -2.44 -28.09 -9.87
CA LYS B 39 -3.58 -28.99 -10.19
C LYS B 39 -4.91 -28.26 -9.94
N VAL B 40 -5.03 -27.57 -8.80
CA VAL B 40 -6.28 -26.86 -8.38
C VAL B 40 -6.34 -25.50 -9.09
N ILE B 41 -5.33 -24.65 -8.88
CA ILE B 41 -5.33 -23.21 -9.33
C ILE B 41 -5.38 -23.15 -10.87
N LYS B 42 -4.73 -24.09 -11.57
CA LYS B 42 -4.63 -24.13 -13.05
C LYS B 42 -3.92 -22.88 -13.56
N PRO B 43 -2.70 -22.56 -13.06
CA PRO B 43 -2.03 -21.31 -13.43
C PRO B 43 -1.70 -21.23 -14.93
N ASP B 44 -2.00 -20.08 -15.55
CA ASP B 44 -1.62 -19.74 -16.94
C ASP B 44 -0.08 -19.61 -17.02
N TRP B 45 0.57 -19.36 -15.88
CA TRP B 45 2.05 -19.31 -15.75
C TRP B 45 2.48 -19.47 -14.28
N THR B 46 3.67 -20.03 -14.07
CA THR B 46 4.28 -20.29 -12.73
C THR B 46 5.65 -19.62 -12.64
N VAL B 47 5.99 -19.07 -11.47
CA VAL B 47 7.35 -18.54 -11.13
C VAL B 47 7.84 -19.22 -9.84
N ILE B 48 9.12 -19.58 -9.79
CA ILE B 48 9.81 -20.14 -8.60
C ILE B 48 10.94 -19.17 -8.22
N VAL B 49 10.94 -18.67 -6.97
CA VAL B 49 12.00 -17.77 -6.43
C VAL B 49 12.84 -18.58 -5.44
N LEU B 50 14.13 -18.76 -5.76
CA LEU B 50 15.13 -19.49 -4.93
C LEU B 50 16.23 -18.52 -4.49
N SER B 51 16.82 -18.75 -3.32
CA SER B 51 18.12 -18.18 -2.91
C SER B 51 19.23 -18.91 -3.66
N ASP B 52 20.23 -18.19 -4.16
CA ASP B 52 21.35 -18.75 -4.97
C ASP B 52 22.39 -19.38 -4.04
N THR B 53 22.16 -19.35 -2.72
CA THR B 53 23.09 -19.86 -1.67
C THR B 53 23.12 -21.40 -1.67
N ILE B 54 22.37 -22.05 -2.55
CA ILE B 54 22.34 -23.54 -2.71
C ILE B 54 23.25 -23.96 -3.87
N GLY B 55 24.15 -23.06 -4.31
CA GLY B 55 25.17 -23.33 -5.36
C GLY B 55 26.43 -23.92 -4.75
N LYS B 56 27.08 -24.85 -5.46
CA LYS B 56 28.26 -25.63 -4.98
C LYS B 56 29.49 -25.39 -5.87
N ASP B 57 29.31 -25.38 -7.20
CA ASP B 57 30.41 -25.18 -8.20
C ASP B 57 30.74 -23.69 -8.29
N PHE B 58 31.91 -23.29 -7.79
CA PHE B 58 32.33 -21.86 -7.61
C PHE B 58 33.34 -21.44 -8.68
N SER B 59 33.32 -22.07 -9.87
CA SER B 59 34.21 -21.72 -11.00
C SER B 59 34.05 -20.22 -11.30
N SER B 60 32.81 -19.77 -11.49
CA SER B 60 32.42 -18.34 -11.60
C SER B 60 30.89 -18.20 -11.43
N VAL B 61 30.31 -17.10 -11.93
CA VAL B 61 28.90 -16.71 -11.66
C VAL B 61 27.94 -17.57 -12.49
N GLU B 62 28.32 -17.90 -13.73
CA GLU B 62 27.46 -18.66 -14.69
C GLU B 62 27.59 -20.17 -14.45
N THR B 63 28.52 -20.60 -13.59
CA THR B 63 28.68 -22.00 -13.13
C THR B 63 28.02 -22.19 -11.76
N LEU B 64 27.49 -21.10 -11.18
CA LEU B 64 26.65 -21.12 -9.95
C LEU B 64 25.17 -21.11 -10.36
N ARG B 65 24.76 -20.13 -11.16
CA ARG B 65 23.37 -19.97 -11.67
C ARG B 65 23.03 -21.16 -12.58
N GLU B 66 24.04 -21.80 -13.18
CA GLU B 66 23.92 -23.09 -13.91
C GLU B 66 23.67 -24.22 -12.89
N ASP B 67 24.63 -24.42 -11.97
CA ASP B 67 24.59 -25.47 -10.92
C ASP B 67 23.20 -25.50 -10.27
N VAL B 68 22.68 -24.33 -9.89
CA VAL B 68 21.39 -24.18 -9.16
C VAL B 68 20.22 -24.46 -10.12
N ARG B 69 20.27 -23.97 -11.37
CA ARG B 69 19.19 -24.18 -12.36
C ARG B 69 19.11 -25.67 -12.73
N ASN B 70 20.26 -26.35 -12.84
CA ASN B 70 20.35 -27.80 -13.13
C ASN B 70 19.53 -28.58 -12.10
N ARG B 71 19.85 -28.42 -10.81
CA ARG B 71 19.28 -29.21 -9.69
C ARG B 71 17.78 -28.91 -9.54
N VAL B 72 17.36 -27.68 -9.89
CA VAL B 72 15.93 -27.25 -9.89
C VAL B 72 15.19 -27.98 -11.02
N MET B 73 15.70 -27.87 -12.26
CA MET B 73 15.05 -28.39 -13.49
C MET B 73 14.97 -29.92 -13.45
N ASP B 74 15.85 -30.58 -12.68
CA ASP B 74 15.74 -32.04 -12.35
C ASP B 74 14.50 -32.25 -11.47
N PHE B 75 14.40 -31.49 -10.38
CA PHE B 75 13.35 -31.57 -9.35
C PHE B 75 11.97 -31.28 -9.96
N LEU B 76 11.91 -30.44 -11.00
CA LEU B 76 10.64 -30.02 -11.66
C LEU B 76 10.18 -31.09 -12.67
N ASP B 77 11.04 -32.05 -13.00
CA ASP B 77 10.68 -33.25 -13.81
C ASP B 77 10.31 -34.40 -12.87
N ARG B 78 10.83 -34.40 -11.64
CA ARG B 78 10.60 -35.45 -10.61
C ARG B 78 9.14 -35.42 -10.16
N ILE B 79 8.55 -34.23 -9.98
CA ILE B 79 7.14 -34.05 -9.52
C ILE B 79 6.32 -33.34 -10.63
N GLY B 80 6.79 -33.45 -11.88
CA GLY B 80 6.05 -33.01 -13.09
C GLY B 80 5.43 -31.63 -12.92
N ALA B 81 6.27 -30.59 -12.84
CA ALA B 81 5.86 -29.18 -12.69
C ALA B 81 5.60 -28.54 -14.06
N GLY B 82 5.63 -29.33 -15.14
CA GLY B 82 5.24 -28.92 -16.49
C GLY B 82 6.28 -28.03 -17.15
N ARG B 83 5.86 -27.34 -18.22
CA ARG B 83 6.76 -26.47 -19.03
C ARG B 83 6.52 -24.97 -18.88
N GLU B 84 5.33 -24.54 -18.43
CA GLU B 84 5.09 -23.08 -18.32
C GLU B 84 5.70 -22.60 -17.00
N VAL B 85 7.01 -22.39 -16.98
CA VAL B 85 7.66 -21.98 -15.71
C VAL B 85 8.80 -20.99 -15.99
N ASP B 86 8.96 -20.03 -15.08
CA ASP B 86 10.16 -19.16 -14.98
C ASP B 86 10.80 -19.41 -13.61
N VAL B 87 12.13 -19.30 -13.52
CA VAL B 87 12.92 -19.57 -12.28
C VAL B 87 13.81 -18.35 -12.00
N ILE B 88 13.73 -17.80 -10.79
CA ILE B 88 14.46 -16.56 -10.36
C ILE B 88 15.48 -16.96 -9.28
N ILE B 89 16.77 -16.91 -9.64
CA ILE B 89 17.92 -17.31 -8.77
C ILE B 89 18.41 -16.05 -8.03
N ALA B 90 17.66 -15.64 -7.01
CA ALA B 90 17.84 -14.38 -6.25
C ALA B 90 19.14 -14.44 -5.45
N PRO B 91 19.86 -13.29 -5.30
CA PRO B 91 21.13 -13.26 -4.57
C PRO B 91 20.96 -13.36 -3.05
N GLY B 92 21.25 -14.53 -2.48
CA GLY B 92 21.29 -14.78 -1.02
C GLY B 92 22.64 -14.39 -0.44
N ILE B 93 22.74 -14.30 0.89
CA ILE B 93 23.99 -13.99 1.63
C ILE B 93 24.12 -14.94 2.82
N GLY B 94 25.35 -15.15 3.31
CA GLY B 94 25.65 -15.93 4.53
C GLY B 94 26.80 -16.91 4.34
N GLU B 95 27.29 -17.49 5.44
CA GLU B 95 28.37 -18.51 5.47
C GLU B 95 27.73 -19.90 5.56
N PHE B 96 27.74 -20.65 4.46
CA PHE B 96 27.12 -22.00 4.33
C PHE B 96 28.22 -23.07 4.35
N THR B 97 27.82 -24.35 4.34
CA THR B 97 28.70 -25.54 4.46
C THR B 97 29.64 -25.62 3.23
N HIS B 98 29.08 -25.49 2.03
CA HIS B 98 29.79 -25.72 0.74
C HIS B 98 30.07 -24.38 0.02
N GLY B 99 29.95 -23.24 0.72
CA GLY B 99 30.24 -21.91 0.14
C GLY B 99 29.88 -20.76 1.05
N SER B 100 30.47 -19.59 0.78
CA SER B 100 30.21 -18.29 1.45
C SER B 100 29.70 -17.28 0.42
N PHE B 101 28.66 -16.51 0.75
CA PHE B 101 28.06 -15.44 -0.09
C PHE B 101 27.98 -14.14 0.73
N ARG B 102 28.56 -13.06 0.22
CA ARG B 102 28.63 -11.74 0.89
C ARG B 102 28.05 -10.66 -0.03
N GLY B 103 27.39 -9.65 0.56
CA GLY B 103 26.67 -8.59 -0.16
C GLY B 103 25.59 -7.95 0.71
N SER B 104 25.01 -6.84 0.26
CA SER B 104 23.85 -6.16 0.89
C SER B 104 22.66 -7.12 0.91
N ALA B 105 21.90 -7.13 2.01
CA ALA B 105 20.73 -8.02 2.23
C ALA B 105 19.59 -7.65 1.29
N MET B 106 19.54 -6.38 0.85
CA MET B 106 18.39 -5.78 0.12
C MET B 106 18.50 -6.04 -1.40
N ASP B 107 19.60 -6.63 -1.87
CA ASP B 107 19.83 -6.90 -3.32
C ASP B 107 18.80 -7.92 -3.84
N ALA B 108 18.36 -8.86 -2.99
CA ALA B 108 17.40 -9.93 -3.33
C ALA B 108 16.04 -9.32 -3.68
N TYR B 109 15.61 -8.30 -2.95
CA TYR B 109 14.37 -7.52 -3.20
C TYR B 109 14.43 -6.88 -4.59
N TYR B 110 15.49 -6.09 -4.84
CA TYR B 110 15.70 -5.32 -6.09
C TYR B 110 15.85 -6.28 -7.28
N TYR B 111 16.53 -7.41 -7.08
CA TYR B 111 16.74 -8.47 -8.11
C TYR B 111 15.39 -9.13 -8.44
N VAL B 112 14.64 -9.57 -7.43
CA VAL B 112 13.31 -10.23 -7.61
C VAL B 112 12.33 -9.21 -8.18
N LEU B 113 12.32 -7.97 -7.67
CA LEU B 113 11.49 -6.85 -8.21
C LEU B 113 11.75 -6.74 -9.72
N HIS B 114 13.03 -6.62 -10.11
CA HIS B 114 13.50 -6.54 -11.52
C HIS B 114 13.01 -7.76 -12.30
N ALA B 115 13.22 -8.97 -11.76
CA ALA B 115 12.87 -10.26 -12.39
C ALA B 115 11.35 -10.36 -12.58
N LEU B 116 10.56 -10.03 -11.55
CA LEU B 116 9.07 -10.11 -11.56
C LEU B 116 8.50 -9.10 -12.56
N SER B 117 9.14 -7.93 -12.70
CA SER B 117 8.69 -6.81 -13.56
C SER B 117 8.67 -7.23 -15.03
N GLU B 118 9.46 -8.24 -15.41
CA GLU B 118 9.60 -8.74 -16.81
C GLU B 118 8.65 -9.93 -17.06
N ILE B 119 8.13 -10.58 -16.01
CA ILE B 119 7.28 -11.80 -16.11
C ILE B 119 5.80 -11.39 -16.03
N ILE B 120 5.40 -10.68 -14.98
CA ILE B 120 3.97 -10.31 -14.72
C ILE B 120 3.42 -9.65 -15.99
N PRO B 121 2.27 -10.12 -16.53
CA PRO B 121 1.68 -9.51 -17.73
C PRO B 121 1.23 -8.07 -17.46
N THR B 122 1.42 -7.20 -18.46
CA THR B 122 1.12 -5.74 -18.39
C THR B 122 -0.14 -5.43 -19.22
N LYS B 123 -0.96 -6.46 -19.50
CA LYS B 123 -2.24 -6.35 -20.24
C LYS B 123 -3.26 -7.33 -19.64
N GLY B 124 -4.53 -6.91 -19.53
CA GLY B 124 -5.64 -7.75 -19.03
C GLY B 124 -5.62 -7.90 -17.52
N ASP B 125 -6.67 -8.50 -16.96
CA ASP B 125 -6.86 -8.70 -15.49
C ASP B 125 -5.86 -9.75 -15.00
N LEU B 126 -5.49 -9.70 -13.71
CA LEU B 126 -4.50 -10.60 -13.05
C LEU B 126 -5.13 -11.26 -11.83
N GLU B 127 -4.96 -12.58 -11.71
CA GLU B 127 -5.29 -13.39 -10.50
C GLU B 127 -4.01 -14.06 -10.01
N VAL B 128 -3.38 -13.50 -8.96
CA VAL B 128 -2.03 -13.92 -8.49
C VAL B 128 -2.20 -14.82 -7.25
N HIS B 129 -1.55 -15.99 -7.30
CA HIS B 129 -1.47 -16.99 -6.21
C HIS B 129 -0.03 -17.06 -5.72
N PHE B 130 0.20 -16.90 -4.41
CA PHE B 130 1.54 -16.87 -3.78
C PHE B 130 1.60 -17.90 -2.65
N ASP B 131 2.70 -18.66 -2.58
CA ASP B 131 2.90 -19.75 -1.58
C ASP B 131 4.20 -19.49 -0.81
N SER B 132 4.10 -19.35 0.51
CA SER B 132 5.22 -19.04 1.44
C SER B 132 5.63 -20.31 2.21
N THR B 133 5.04 -21.46 1.88
CA THR B 133 5.22 -22.77 2.59
C THR B 133 6.69 -23.02 2.92
N ALA B 134 7.50 -23.27 1.88
CA ALA B 134 8.86 -23.84 1.98
C ALA B 134 9.89 -22.82 1.48
N GLY B 135 9.89 -21.62 2.06
CA GLY B 135 10.80 -20.51 1.70
C GLY B 135 11.55 -19.97 2.89
N LEU B 136 12.77 -19.46 2.66
CA LEU B 136 13.55 -18.59 3.59
C LEU B 136 12.62 -17.49 4.10
N ASN B 137 12.86 -17.00 5.33
N ASN B 137 12.84 -17.00 5.34
CA ASN B 137 12.01 -15.99 6.00
CA ASN B 137 11.97 -15.99 5.98
C ASN B 137 12.09 -14.66 5.24
C ASN B 137 12.08 -14.65 5.23
N TYR B 138 13.30 -14.14 5.00
CA TYR B 138 13.52 -12.81 4.37
C TYR B 138 13.26 -12.88 2.86
N VAL B 139 13.65 -13.96 2.18
CA VAL B 139 13.42 -14.13 0.70
C VAL B 139 11.91 -14.14 0.43
N THR B 140 11.14 -14.86 1.25
CA THR B 140 9.65 -14.94 1.19
C THR B 140 9.06 -13.55 1.46
N LEU B 141 9.64 -12.81 2.42
CA LEU B 141 9.18 -11.46 2.85
C LEU B 141 9.42 -10.46 1.72
N LEU B 142 10.63 -10.46 1.15
CA LEU B 142 11.06 -9.52 0.07
C LEU B 142 10.33 -9.87 -1.24
N THR B 143 10.07 -11.15 -1.49
CA THR B 143 9.32 -11.64 -2.68
C THR B 143 7.86 -11.19 -2.55
N TYR B 144 7.27 -11.30 -1.36
CA TYR B 144 5.88 -10.87 -1.07
C TYR B 144 5.76 -9.36 -1.31
N ARG B 145 6.70 -8.58 -0.77
CA ARG B 145 6.74 -7.09 -0.90
C ARG B 145 6.85 -6.71 -2.39
N ALA B 146 7.78 -7.33 -3.12
CA ALA B 146 8.08 -7.05 -4.54
C ALA B 146 6.84 -7.33 -5.40
N LEU B 147 6.13 -8.42 -5.13
CA LEU B 147 4.84 -8.78 -5.78
C LEU B 147 3.83 -7.65 -5.56
N LYS B 148 3.58 -7.31 -4.29
CA LYS B 148 2.54 -6.32 -3.87
C LYS B 148 2.86 -4.94 -4.47
N ASP B 149 4.15 -4.56 -4.52
CA ASP B 149 4.61 -3.26 -5.05
C ASP B 149 4.24 -3.15 -6.53
N LEU B 150 4.47 -4.21 -7.31
CA LEU B 150 4.24 -4.22 -8.78
C LEU B 150 2.75 -4.37 -9.08
N LEU B 151 2.06 -5.30 -8.42
CA LEU B 151 0.60 -5.54 -8.61
C LEU B 151 -0.17 -4.26 -8.25
N GLY B 152 0.29 -3.55 -7.22
CA GLY B 152 -0.23 -2.22 -6.84
C GLY B 152 -0.29 -1.27 -8.03
N ILE B 153 0.74 -1.31 -8.88
CA ILE B 153 0.86 -0.48 -10.11
C ILE B 153 0.00 -1.09 -11.23
N ALA B 154 -0.08 -2.43 -11.30
CA ALA B 154 -0.93 -3.17 -12.25
C ALA B 154 -2.41 -2.85 -11.99
N ALA B 155 -2.78 -2.70 -10.71
CA ALA B 155 -4.16 -2.43 -10.24
C ALA B 155 -4.70 -1.11 -10.83
N VAL B 156 -3.83 -0.16 -11.14
CA VAL B 156 -4.18 1.16 -11.76
C VAL B 156 -5.07 0.92 -12.98
N MET B 157 -4.66 0.00 -13.86
CA MET B 157 -5.25 -0.16 -15.22
C MET B 157 -6.17 -1.39 -15.30
N ASN B 158 -5.97 -2.38 -14.41
CA ASN B 158 -6.61 -3.72 -14.53
C ASN B 158 -7.07 -4.19 -13.14
N THR B 159 -8.00 -5.15 -13.12
CA THR B 159 -8.50 -5.84 -11.89
C THR B 159 -7.43 -6.83 -11.43
N VAL B 160 -7.02 -6.75 -10.17
CA VAL B 160 -5.92 -7.60 -9.59
C VAL B 160 -6.38 -8.17 -8.24
N THR B 161 -6.48 -9.50 -8.16
CA THR B 161 -6.83 -10.27 -6.94
C THR B 161 -5.61 -11.11 -6.53
N PHE B 162 -5.24 -11.06 -5.25
CA PHE B 162 -4.02 -11.70 -4.70
C PHE B 162 -4.40 -12.68 -3.59
N TYR B 163 -3.98 -13.94 -3.74
CA TYR B 163 -4.11 -15.02 -2.72
C TYR B 163 -2.71 -15.41 -2.24
N ALA B 164 -2.53 -15.55 -0.92
CA ALA B 164 -1.31 -16.10 -0.28
C ALA B 164 -1.67 -17.39 0.45
N TYR B 165 -0.74 -18.36 0.45
CA TYR B 165 -0.89 -19.69 1.09
C TYR B 165 0.35 -20.00 1.94
N ASN B 166 0.13 -20.56 3.12
CA ASN B 166 1.12 -21.37 3.87
C ASN B 166 0.39 -22.63 4.36
N SER B 167 1.08 -23.77 4.37
CA SER B 167 0.55 -25.08 4.79
C SER B 167 0.62 -25.17 6.32
N ASP B 168 -0.07 -26.13 6.92
CA ASP B 168 0.15 -26.53 8.34
C ASP B 168 1.64 -26.82 8.48
N PRO B 169 2.27 -26.53 9.64
CA PRO B 169 3.70 -26.81 9.81
C PRO B 169 3.97 -28.32 9.68
N PHE B 170 4.76 -28.73 8.70
CA PHE B 170 5.35 -30.09 8.61
C PHE B 170 6.14 -30.33 9.90
N VAL B 171 5.61 -31.16 10.79
CA VAL B 171 6.31 -31.65 12.02
C VAL B 171 6.63 -33.13 11.80
N PRO B 172 7.92 -33.49 11.69
CA PRO B 172 8.33 -34.75 11.05
C PRO B 172 7.91 -36.05 11.75
N LYS B 173 7.67 -36.01 13.06
CA LYS B 173 7.49 -37.23 13.91
C LYS B 173 6.05 -37.31 14.45
N ILE B 174 5.10 -36.60 13.86
CA ILE B 174 3.64 -36.73 14.16
C ILE B 174 2.80 -36.47 12.89
N THR B 175 3.32 -35.72 11.91
CA THR B 175 2.59 -35.36 10.66
C THR B 175 2.09 -36.62 9.95
N LYS B 176 0.79 -36.65 9.63
CA LYS B 176 0.14 -37.64 8.73
C LYS B 176 -0.18 -36.96 7.40
N GLU B 177 -0.77 -35.75 7.46
CA GLU B 177 -1.03 -34.88 6.28
C GLU B 177 -0.97 -33.41 6.70
N LEU B 178 -0.91 -32.49 5.73
CA LEU B 178 -0.80 -31.02 5.94
C LEU B 178 -1.77 -30.29 5.01
N ASN B 179 -2.53 -29.31 5.55
CA ASN B 179 -3.55 -28.53 4.81
C ASN B 179 -2.89 -27.25 4.26
N ILE B 180 -3.17 -26.91 3.00
CA ILE B 180 -2.75 -25.62 2.35
C ILE B 180 -3.74 -24.54 2.77
N ASN B 181 -3.40 -23.76 3.81
CA ASN B 181 -4.25 -22.70 4.39
C ASN B 181 -4.12 -21.43 3.55
N THR B 182 -5.26 -20.79 3.23
CA THR B 182 -5.32 -19.45 2.58
C THR B 182 -5.14 -18.38 3.68
N ILE B 183 -3.95 -17.78 3.75
CA ILE B 183 -3.57 -16.78 4.80
C ILE B 183 -3.94 -15.36 4.34
N GLU B 184 -4.30 -15.19 3.06
CA GLU B 184 -4.69 -13.87 2.48
C GLU B 184 -5.56 -14.07 1.24
N THR B 185 -6.61 -13.25 1.12
CA THR B 185 -7.41 -13.04 -0.12
C THR B 185 -7.73 -11.54 -0.19
N THR B 186 -7.08 -10.81 -1.11
CA THR B 186 -7.17 -9.34 -1.24
C THR B 186 -7.29 -8.92 -2.71
N MET B 187 -8.29 -8.08 -3.01
CA MET B 187 -8.37 -7.29 -4.26
C MET B 187 -7.40 -6.11 -4.14
N VAL B 188 -6.33 -6.10 -4.95
CA VAL B 188 -5.17 -5.16 -4.83
C VAL B 188 -5.63 -3.75 -5.22
N LYS B 189 -5.36 -2.77 -4.36
CA LYS B 189 -5.73 -1.35 -4.54
C LYS B 189 -4.83 -0.72 -5.61
N PRO B 190 -5.40 0.09 -6.54
CA PRO B 190 -4.57 0.85 -7.49
C PRO B 190 -3.70 1.88 -6.76
N THR B 191 -2.39 1.68 -6.78
CA THR B 191 -1.37 2.54 -6.11
C THR B 191 -0.33 2.97 -7.15
N PRO B 192 -0.51 4.13 -7.80
CA PRO B 192 0.47 4.63 -8.76
C PRO B 192 1.78 4.97 -8.05
N LEU B 193 2.90 4.90 -8.78
CA LEU B 193 4.25 5.28 -8.29
C LEU B 193 4.15 6.68 -7.65
N SER B 194 4.59 6.81 -6.40
CA SER B 194 4.40 8.03 -5.56
C SER B 194 5.69 8.39 -4.81
N GLU B 195 6.84 8.16 -5.45
CA GLU B 195 8.17 8.53 -4.89
C GLU B 195 9.01 9.17 -6.00
N PRO B 196 9.79 10.23 -5.69
CA PRO B 196 10.70 10.83 -6.67
C PRO B 196 11.88 9.89 -6.97
N LEU B 197 12.60 10.14 -8.07
CA LEU B 197 13.94 9.58 -8.32
C LEU B 197 14.90 10.18 -7.29
N PRO B 198 15.72 9.36 -6.59
CA PRO B 198 16.61 9.90 -5.55
C PRO B 198 17.87 10.54 -6.15
N GLY B 199 18.75 11.04 -5.29
CA GLY B 199 20.10 11.52 -5.67
C GLY B 199 20.90 10.41 -6.34
N PHE B 200 21.80 10.77 -7.25
CA PHE B 200 22.56 9.82 -8.11
C PHE B 200 23.57 9.02 -7.27
N ASP B 201 23.44 9.12 -5.94
CA ASP B 201 24.09 8.24 -4.94
C ASP B 201 23.47 6.84 -4.99
N GLU B 202 22.14 6.75 -5.04
CA GLU B 202 21.34 5.58 -4.58
C GLU B 202 20.75 4.79 -5.76
N TYR B 203 21.54 4.53 -6.81
CA TYR B 203 21.16 3.65 -7.95
C TYR B 203 21.99 2.37 -7.87
N LEU B 204 23.32 2.53 -7.78
CA LEU B 204 24.27 1.47 -7.32
C LEU B 204 25.15 2.07 -6.22
N CYS B 205 25.42 1.29 -5.16
CA CYS B 205 26.23 1.68 -3.99
C CYS B 205 27.34 0.65 -3.75
N PRO B 206 28.53 1.07 -3.27
CA PRO B 206 29.63 0.15 -3.01
C PRO B 206 29.37 -0.68 -1.74
N TYR B 207 29.30 -2.01 -1.86
CA TYR B 207 29.24 -2.94 -0.71
C TYR B 207 30.65 -3.12 -0.13
N SER B 208 31.54 -3.75 -0.91
CA SER B 208 32.98 -3.93 -0.58
C SER B 208 33.83 -3.48 -1.78
N MET B 209 33.72 -2.20 -2.14
CA MET B 209 34.52 -1.55 -3.20
C MET B 209 35.13 -0.25 -2.65
N GLU B 210 36.45 -0.13 -2.70
CA GLU B 210 37.23 1.05 -2.27
C GLU B 210 36.66 2.28 -3.00
N ARG B 211 36.47 3.39 -2.26
CA ARG B 211 35.58 4.52 -2.64
C ARG B 211 36.09 5.23 -3.89
N ALA B 212 37.40 5.21 -4.15
CA ALA B 212 38.04 5.78 -5.35
C ALA B 212 37.59 5.02 -6.61
N GLU B 213 37.47 3.69 -6.52
CA GLU B 213 37.08 2.80 -7.64
C GLU B 213 35.60 3.03 -7.99
N PHE B 214 34.76 3.34 -7.01
CA PHE B 214 33.30 3.57 -7.18
C PHE B 214 33.07 4.85 -8.01
N VAL B 215 33.71 5.95 -7.59
CA VAL B 215 33.64 7.28 -8.26
C VAL B 215 34.06 7.12 -9.72
N ARG B 216 35.02 6.23 -9.99
CA ARG B 216 35.52 5.90 -11.35
C ARG B 216 34.39 5.29 -12.19
N LEU B 217 33.76 4.22 -11.69
CA LEU B 217 32.74 3.43 -12.43
C LEU B 217 31.42 4.20 -12.51
N LYS B 218 31.02 4.87 -11.42
CA LYS B 218 29.82 5.75 -11.36
C LYS B 218 29.89 6.81 -12.48
N GLY B 219 31.10 7.33 -12.75
CA GLY B 219 31.36 8.38 -13.75
C GLY B 219 31.26 7.85 -15.18
N SER B 220 31.44 6.55 -15.39
CA SER B 220 31.47 5.87 -16.71
C SER B 220 30.07 5.42 -17.15
N LEU B 221 29.11 5.37 -16.23
CA LEU B 221 27.71 4.94 -16.50
C LEU B 221 26.99 6.03 -17.31
N ASN B 222 26.54 5.70 -18.52
CA ASN B 222 25.78 6.61 -19.42
C ASN B 222 24.37 6.82 -18.84
N THR B 223 23.90 5.91 -17.97
CA THR B 223 22.58 5.95 -17.30
C THR B 223 22.47 7.19 -16.39
N LEU B 224 23.41 7.37 -15.46
CA LEU B 224 23.38 8.45 -14.44
C LEU B 224 23.48 9.82 -15.12
N LYS B 225 24.22 9.92 -16.23
CA LYS B 225 24.38 11.18 -17.01
C LYS B 225 23.08 11.50 -17.74
N ASN B 226 22.38 10.46 -18.23
CA ASN B 226 21.12 10.60 -19.01
C ASN B 226 19.94 10.88 -18.06
N LEU B 227 20.03 10.46 -16.80
CA LEU B 227 18.99 10.73 -15.76
C LEU B 227 19.09 12.19 -15.30
N ARG B 228 20.30 12.74 -15.21
CA ARG B 228 20.56 14.17 -14.88
C ARG B 228 19.61 15.06 -15.71
N LYS B 229 19.51 14.79 -17.01
CA LYS B 229 18.63 15.52 -17.97
C LYS B 229 17.16 15.22 -17.67
N GLU B 230 16.80 13.94 -17.59
CA GLU B 230 15.40 13.43 -17.73
C GLU B 230 14.70 13.29 -16.38
N LYS B 231 15.45 13.32 -15.27
CA LYS B 231 14.93 13.12 -13.89
C LYS B 231 13.64 13.92 -13.69
N LYS B 232 13.68 15.23 -13.99
CA LYS B 232 12.56 16.18 -13.75
C LYS B 232 11.37 15.82 -14.65
N LYS B 233 11.62 15.47 -15.92
CA LYS B 233 10.57 15.07 -16.90
C LYS B 233 9.87 13.79 -16.44
N LEU B 234 10.61 12.88 -15.78
CA LEU B 234 10.08 11.58 -15.32
C LEU B 234 9.28 11.77 -14.02
N GLU B 235 9.78 12.60 -13.10
CA GLU B 235 9.05 12.97 -11.84
C GLU B 235 7.75 13.69 -12.19
N ALA B 236 7.76 14.49 -13.26
CA ALA B 236 6.57 15.20 -13.81
C ALA B 236 5.54 14.17 -14.31
N TRP B 237 6.00 13.06 -14.91
CA TRP B 237 5.13 11.96 -15.38
C TRP B 237 4.57 11.18 -14.17
N ILE B 238 5.42 10.86 -13.20
CA ILE B 238 5.01 10.18 -11.94
C ILE B 238 3.87 10.98 -11.30
N GLY B 239 4.05 12.31 -11.22
CA GLY B 239 3.06 13.25 -10.66
C GLY B 239 1.77 13.27 -11.45
N SER B 240 1.85 13.14 -12.78
CA SER B 240 0.70 13.18 -13.71
C SER B 240 -0.35 12.15 -13.28
N LEU B 241 0.06 10.92 -12.97
CA LEU B 241 -0.83 9.82 -12.53
C LEU B 241 -1.33 10.08 -11.10
N LEU B 242 -0.42 10.44 -10.19
CA LEU B 242 -0.70 10.56 -8.74
C LEU B 242 -1.68 11.71 -8.47
N PHE B 243 -1.57 12.83 -9.20
CA PHE B 243 -2.29 14.10 -8.92
C PHE B 243 -3.45 14.34 -9.91
N GLY B 244 -3.55 13.54 -10.98
CA GLY B 244 -4.65 13.64 -11.96
C GLY B 244 -4.41 14.75 -12.97
N LEU B 245 -3.29 14.67 -13.71
CA LEU B 245 -2.86 15.67 -14.71
C LEU B 245 -2.75 14.98 -16.07
N PRO B 246 -3.87 14.84 -16.83
CA PRO B 246 -3.93 13.94 -17.98
C PRO B 246 -3.13 14.41 -19.21
N LEU B 247 -3.04 15.72 -19.44
CA LEU B 247 -2.27 16.29 -20.58
C LEU B 247 -0.76 16.14 -20.29
N LEU B 248 -0.36 16.23 -19.01
CA LEU B 248 1.05 16.06 -18.59
C LEU B 248 1.45 14.59 -18.68
N PHE B 249 0.50 13.68 -18.40
CA PHE B 249 0.66 12.21 -18.55
C PHE B 249 1.08 11.89 -19.99
N LEU B 250 0.39 12.48 -20.97
CA LEU B 250 0.62 12.25 -22.42
C LEU B 250 1.96 12.85 -22.84
N GLU B 251 2.18 14.14 -22.53
CA GLU B 251 3.35 14.92 -23.00
C GLU B 251 4.64 14.40 -22.35
N GLU B 252 4.57 13.93 -21.10
CA GLU B 252 5.77 13.45 -20.34
C GLU B 252 5.88 11.92 -20.40
N PHE B 253 5.12 11.25 -21.26
CA PHE B 253 5.11 9.77 -21.34
C PHE B 253 6.52 9.28 -21.67
N PRO B 254 7.17 8.50 -20.77
CA PRO B 254 8.58 8.15 -20.92
C PRO B 254 8.86 7.16 -22.07
N ASP B 255 10.06 7.26 -22.64
CA ASP B 255 10.60 6.32 -23.66
C ASP B 255 10.91 4.99 -22.96
N ILE B 256 10.15 3.94 -23.26
CA ILE B 256 10.26 2.59 -22.63
C ILE B 256 11.62 1.96 -23.03
N GLY B 257 11.95 2.01 -24.32
CA GLY B 257 13.25 1.52 -24.85
C GLY B 257 14.42 2.09 -24.07
N ARG B 258 14.35 3.38 -23.72
CA ARG B 258 15.40 4.13 -22.98
C ARG B 258 15.45 3.66 -21.52
N LEU B 259 14.30 3.45 -20.88
CA LEU B 259 14.20 2.96 -19.47
C LEU B 259 14.73 1.52 -19.40
N GLU B 260 14.35 0.69 -20.36
CA GLU B 260 14.86 -0.70 -20.54
C GLU B 260 16.40 -0.69 -20.50
N SER B 261 17.03 0.26 -21.21
CA SER B 261 18.50 0.35 -21.41
C SER B 261 19.19 0.84 -20.13
N TYR B 262 18.58 1.79 -19.40
CA TYR B 262 19.06 2.28 -18.08
C TYR B 262 19.11 1.11 -17.10
N ILE B 263 18.01 0.37 -16.98
CA ILE B 263 17.82 -0.77 -16.04
C ILE B 263 18.87 -1.85 -16.35
N GLU B 264 19.02 -2.23 -17.62
CA GLU B 264 19.96 -3.28 -18.08
C GLU B 264 21.40 -2.89 -17.74
N GLU B 265 21.75 -1.61 -17.85
CA GLU B 265 23.13 -1.10 -17.62
C GLU B 265 23.46 -1.16 -16.11
N LEU B 266 22.50 -0.77 -15.25
CA LEU B 266 22.64 -0.84 -13.78
C LEU B 266 22.67 -2.32 -13.35
N ALA B 267 21.92 -3.18 -14.06
CA ALA B 267 21.82 -4.63 -13.82
C ALA B 267 23.15 -5.31 -14.13
N GLU B 268 23.67 -5.15 -15.36
CA GLU B 268 24.87 -5.86 -15.86
C GLU B 268 26.13 -5.25 -15.22
N THR B 269 26.06 -4.00 -14.74
CA THR B 269 27.12 -3.33 -13.94
C THR B 269 27.19 -3.98 -12.54
N TRP B 270 26.04 -4.20 -11.91
CA TRP B 270 25.91 -4.89 -10.60
C TRP B 270 26.50 -6.30 -10.72
N GLY B 271 26.02 -7.08 -11.70
CA GLY B 271 26.42 -8.48 -11.94
C GLY B 271 27.91 -8.61 -12.21
N GLY B 272 28.51 -7.60 -12.86
CA GLY B 272 29.93 -7.58 -13.24
C GLY B 272 30.83 -7.08 -12.12
N ALA B 273 30.26 -6.76 -10.95
CA ALA B 273 30.98 -6.39 -9.71
C ALA B 273 30.92 -7.55 -8.70
N ILE B 274 30.40 -8.71 -9.12
CA ILE B 274 30.35 -9.96 -8.31
C ILE B 274 31.66 -10.73 -8.55
N ALA B 275 32.54 -10.77 -7.53
CA ALA B 275 33.86 -11.42 -7.57
C ALA B 275 33.77 -12.83 -6.95
N VAL B 276 33.70 -13.86 -7.80
CA VAL B 276 33.71 -15.29 -7.39
C VAL B 276 35.16 -15.73 -7.19
N ASN B 277 35.46 -16.36 -6.05
CA ASN B 277 36.78 -16.97 -5.72
C ASN B 277 36.60 -18.49 -5.71
N ALA B 278 37.05 -19.17 -6.76
CA ALA B 278 36.83 -20.62 -7.03
C ALA B 278 37.50 -21.48 -5.96
N GLU B 279 38.51 -20.95 -5.26
CA GLU B 279 39.36 -21.71 -4.30
C GLU B 279 38.90 -21.47 -2.86
N GLU B 280 38.64 -20.21 -2.48
CA GLU B 280 38.11 -19.84 -1.14
C GLU B 280 36.62 -20.21 -1.05
N LYS B 281 35.96 -20.42 -2.19
CA LYS B 281 34.52 -20.77 -2.30
C LYS B 281 33.67 -19.59 -1.79
N ALA B 282 33.94 -18.39 -2.33
CA ALA B 282 33.38 -17.11 -1.84
C ALA B 282 32.96 -16.21 -3.01
N VAL B 283 31.65 -16.05 -3.22
CA VAL B 283 31.05 -14.95 -4.02
C VAL B 283 31.06 -13.69 -3.16
N THR B 284 31.34 -12.53 -3.76
CA THR B 284 31.28 -11.20 -3.11
C THR B 284 30.67 -10.19 -4.09
N ARG B 285 29.45 -9.72 -3.78
CA ARG B 285 28.70 -8.71 -4.58
C ARG B 285 29.15 -7.33 -4.12
N ARG B 286 30.11 -6.73 -4.83
CA ARG B 286 30.84 -5.50 -4.39
C ARG B 286 30.00 -4.26 -4.71
N LEU B 287 28.98 -4.38 -5.56
CA LEU B 287 27.95 -3.33 -5.77
C LEU B 287 26.62 -3.78 -5.19
N ALA B 288 25.94 -2.88 -4.46
CA ALA B 288 24.57 -3.04 -3.92
C ALA B 288 23.61 -2.16 -4.73
N PHE B 289 22.48 -2.71 -5.15
CA PHE B 289 21.33 -1.94 -5.73
C PHE B 289 20.83 -0.96 -4.68
N GLY B 290 20.51 0.27 -5.10
CA GLY B 290 19.88 1.31 -4.25
C GLY B 290 18.41 1.48 -4.58
N SER B 291 17.69 2.29 -3.79
CA SER B 291 16.25 2.60 -3.97
C SER B 291 15.99 3.11 -5.40
N GLY B 292 16.92 3.91 -5.95
CA GLY B 292 16.86 4.45 -7.31
C GLY B 292 16.69 3.37 -8.36
N PHE B 293 17.30 2.19 -8.16
CA PHE B 293 17.13 1.01 -9.05
C PHE B 293 15.69 0.51 -8.96
N GLY B 294 15.14 0.44 -7.74
CA GLY B 294 13.75 0.05 -7.46
C GLY B 294 12.75 0.99 -8.12
N THR B 295 13.00 2.31 -8.02
CA THR B 295 12.12 3.38 -8.57
C THR B 295 12.06 3.24 -10.10
N LEU B 296 13.21 3.05 -10.76
CA LEU B 296 13.32 2.91 -12.24
C LEU B 296 12.51 1.68 -12.70
N VAL B 297 12.65 0.55 -12.01
CA VAL B 297 11.97 -0.74 -12.36
C VAL B 297 10.45 -0.53 -12.27
N LYS B 298 9.97 0.10 -11.19
CA LYS B 298 8.52 0.40 -10.96
C LYS B 298 8.02 1.38 -12.03
N LEU B 299 8.84 2.38 -12.37
CA LEU B 299 8.53 3.45 -13.35
C LEU B 299 8.35 2.83 -14.74
N LEU B 300 9.26 1.93 -15.16
CA LEU B 300 9.16 1.22 -16.46
C LEU B 300 7.90 0.35 -16.49
N PHE B 301 7.60 -0.34 -15.38
CA PHE B 301 6.43 -1.26 -15.26
C PHE B 301 5.13 -0.47 -15.42
N GLN B 302 5.02 0.65 -14.70
CA GLN B 302 3.86 1.59 -14.77
C GLN B 302 3.70 2.10 -16.20
N ALA B 303 4.80 2.31 -16.91
CA ALA B 303 4.83 2.79 -18.32
C ALA B 303 4.29 1.71 -19.26
N ARG B 304 4.73 0.46 -19.09
CA ARG B 304 4.23 -0.72 -19.87
C ARG B 304 2.73 -0.89 -19.63
N ILE B 305 2.30 -0.75 -18.36
CA ILE B 305 0.89 -0.93 -17.90
C ILE B 305 -0.03 0.08 -18.58
N THR B 306 0.46 1.30 -18.87
CA THR B 306 -0.37 2.46 -19.32
C THR B 306 -0.03 2.88 -20.76
N ARG B 307 0.81 2.12 -21.48
CA ARG B 307 1.30 2.49 -22.83
C ARG B 307 0.13 2.57 -23.82
N GLY B 308 -0.92 1.77 -23.62
CA GLY B 308 -2.14 1.77 -24.45
C GLY B 308 -2.83 3.13 -24.50
N LEU B 309 -2.60 3.97 -23.49
CA LEU B 309 -3.28 5.28 -23.31
C LEU B 309 -2.53 6.42 -24.02
N LEU B 310 -1.27 6.21 -24.45
CA LEU B 310 -0.52 7.24 -25.21
C LEU B 310 -1.16 7.36 -26.61
N VAL B 311 -2.16 8.24 -26.73
CA VAL B 311 -2.94 8.47 -27.98
C VAL B 311 -2.06 9.24 -28.97
N GLU B 312 -2.41 9.16 -30.25
CA GLU B 312 -1.81 9.97 -31.35
C GLU B 312 -2.17 11.43 -31.13
N GLU B 313 -1.22 12.34 -31.37
CA GLU B 313 -1.44 13.82 -31.31
C GLU B 313 -2.35 14.20 -32.48
N PRO B 314 -3.07 15.35 -32.42
CA PRO B 314 -3.04 16.26 -31.27
C PRO B 314 -3.92 15.76 -30.12
N TYR B 315 -3.69 16.30 -28.91
CA TYR B 315 -4.34 15.88 -27.65
C TYR B 315 -5.63 16.68 -27.48
N SER B 316 -6.74 16.11 -27.99
CA SER B 316 -8.10 16.71 -27.99
C SER B 316 -8.77 16.48 -26.63
N ILE B 317 -9.82 17.25 -26.33
CA ILE B 317 -10.63 17.14 -25.08
C ILE B 317 -11.21 15.71 -25.02
N GLU B 318 -11.66 15.17 -26.16
CA GLU B 318 -12.28 13.83 -26.27
C GLU B 318 -11.27 12.75 -25.86
N LYS B 319 -10.03 12.84 -26.36
CA LYS B 319 -8.93 11.89 -26.05
C LYS B 319 -8.53 12.02 -24.57
N LEU B 320 -8.48 13.25 -24.07
CA LEU B 320 -8.14 13.56 -22.65
C LEU B 320 -9.21 12.97 -21.72
N TYR B 321 -10.49 13.10 -22.07
CA TYR B 321 -11.62 12.42 -21.36
C TYR B 321 -11.34 10.92 -21.31
N SER B 322 -11.03 10.32 -22.47
CA SER B 322 -10.83 8.86 -22.67
C SER B 322 -9.66 8.36 -21.81
N VAL B 323 -8.51 9.04 -21.88
CA VAL B 323 -7.31 8.77 -21.03
C VAL B 323 -7.72 8.86 -19.56
N SER B 324 -8.38 9.96 -19.18
CA SER B 324 -8.79 10.28 -17.79
C SER B 324 -9.69 9.17 -17.21
N ASP B 325 -10.66 8.70 -18.01
CA ASP B 325 -11.66 7.68 -17.61
C ASP B 325 -10.96 6.39 -17.18
N ARG B 326 -9.86 6.02 -17.85
CA ARG B 326 -9.10 4.76 -17.58
C ARG B 326 -8.14 4.94 -16.40
N LEU B 327 -7.54 6.12 -16.27
CA LEU B 327 -6.33 6.36 -15.43
C LEU B 327 -6.72 6.78 -14.01
N PHE B 328 -7.84 7.50 -13.84
CA PHE B 328 -8.22 8.18 -12.56
C PHE B 328 -9.53 7.62 -12.00
N ARG B 329 -9.71 7.77 -10.69
CA ARG B 329 -10.87 7.28 -9.91
C ARG B 329 -11.29 8.34 -8.89
N GLY B 330 -12.38 8.08 -8.15
CA GLY B 330 -12.85 8.91 -7.03
C GLY B 330 -13.06 10.35 -7.43
N SER B 331 -12.68 11.30 -6.55
CA SER B 331 -12.81 12.76 -6.73
C SER B 331 -11.87 13.25 -7.84
N THR B 332 -10.68 12.67 -7.94
CA THR B 332 -9.65 13.02 -8.97
C THR B 332 -10.30 12.98 -10.36
N LEU B 333 -10.91 11.85 -10.73
CA LEU B 333 -11.59 11.68 -12.04
C LEU B 333 -12.59 12.81 -12.25
N GLN B 334 -13.47 13.06 -11.27
CA GLN B 334 -14.59 14.03 -11.37
C GLN B 334 -14.01 15.45 -11.52
N ARG B 335 -12.96 15.79 -10.76
CA ARG B 335 -12.24 17.09 -10.88
C ARG B 335 -11.78 17.28 -12.33
N VAL B 336 -11.14 16.26 -12.91
CA VAL B 336 -10.57 16.28 -14.29
C VAL B 336 -11.71 16.47 -15.31
N ARG B 337 -12.82 15.75 -15.13
CA ARG B 337 -13.99 15.79 -16.05
C ARG B 337 -14.62 17.18 -16.03
N VAL B 338 -14.68 17.81 -14.85
CA VAL B 338 -15.23 19.20 -14.67
C VAL B 338 -14.32 20.20 -15.38
N GLU B 339 -12.99 20.05 -15.28
CA GLU B 339 -12.00 20.96 -15.90
C GLU B 339 -12.07 20.85 -17.43
N LEU B 340 -12.12 19.63 -17.96
CA LEU B 340 -12.27 19.37 -19.42
C LEU B 340 -13.64 19.89 -19.88
N GLY B 341 -14.68 19.72 -19.05
CA GLY B 341 -16.04 20.24 -19.28
C GLY B 341 -16.05 21.75 -19.48
N LYS B 342 -15.32 22.49 -18.64
CA LYS B 342 -15.19 23.98 -18.71
C LYS B 342 -14.69 24.38 -20.10
N ILE B 343 -13.57 23.78 -20.53
CA ILE B 343 -12.87 24.11 -21.80
C ILE B 343 -13.74 23.66 -22.98
N GLU B 344 -14.38 22.48 -22.88
CA GLU B 344 -15.31 21.94 -23.90
C GLU B 344 -16.48 22.91 -24.10
N ASP B 345 -17.14 23.31 -23.01
CA ASP B 345 -18.33 24.21 -23.03
C ASP B 345 -17.97 25.55 -23.71
N LYS B 346 -16.74 26.01 -23.53
CA LYS B 346 -16.25 27.27 -24.17
C LYS B 346 -16.05 27.04 -25.67
N ALA B 347 -15.42 25.92 -26.05
CA ALA B 347 -15.20 25.50 -27.45
C ALA B 347 -16.54 25.40 -28.18
N ILE B 348 -17.57 24.86 -27.51
CA ILE B 348 -18.96 24.76 -28.05
C ILE B 348 -19.49 26.17 -28.36
N LYS B 349 -19.43 27.07 -27.36
CA LYS B 349 -19.88 28.48 -27.49
C LYS B 349 -19.22 29.12 -28.72
N TYR B 350 -17.91 28.91 -28.88
CA TYR B 350 -17.10 29.43 -30.02
C TYR B 350 -17.63 28.86 -31.34
N ALA B 351 -17.75 27.53 -31.42
CA ALA B 351 -18.22 26.77 -32.60
C ALA B 351 -19.57 27.31 -33.07
N ARG B 352 -20.47 27.60 -32.13
CA ARG B 352 -21.85 28.09 -32.39
C ARG B 352 -21.81 29.47 -33.07
N LYS B 353 -20.79 30.28 -32.78
CA LYS B 353 -20.59 31.64 -33.37
C LYS B 353 -19.75 31.54 -34.65
N GLY B 354 -19.42 30.32 -35.10
CA GLY B 354 -18.55 30.07 -36.26
C GLY B 354 -17.16 30.65 -36.07
N ALA B 355 -16.65 30.62 -34.83
CA ALA B 355 -15.31 31.10 -34.44
C ALA B 355 -14.45 29.89 -34.04
N PHE B 356 -13.19 29.85 -34.50
CA PHE B 356 -12.23 28.74 -34.25
C PHE B 356 -10.86 29.34 -33.94
N PRO B 357 -10.67 29.86 -32.70
CA PRO B 357 -9.37 30.39 -32.28
C PRO B 357 -8.28 29.31 -32.38
N ARG B 358 -7.12 29.68 -32.94
CA ARG B 358 -5.93 28.79 -33.07
C ARG B 358 -4.75 29.42 -32.33
N ASP B 359 -3.98 28.58 -31.62
CA ASP B 359 -2.70 28.98 -30.96
C ASP B 359 -2.97 30.14 -29.99
N ILE B 360 -4.04 30.02 -29.20
CA ILE B 360 -4.48 31.04 -28.20
C ILE B 360 -4.16 30.49 -26.81
N PRO B 361 -3.62 31.30 -25.88
CA PRO B 361 -3.42 30.86 -24.49
C PRO B 361 -4.78 30.53 -23.85
N LEU B 362 -4.80 29.56 -22.93
CA LEU B 362 -6.04 29.06 -22.28
C LEU B 362 -6.73 30.22 -21.52
N ARG B 363 -5.94 31.12 -20.93
CA ARG B 363 -6.44 32.32 -20.20
C ARG B 363 -7.30 33.17 -21.15
N ASP B 364 -6.84 33.35 -22.40
CA ASP B 364 -7.53 34.17 -23.43
C ASP B 364 -8.72 33.40 -24.00
N PHE B 365 -8.65 32.07 -24.07
CA PHE B 365 -9.75 31.18 -24.53
C PHE B 365 -10.91 31.23 -23.54
N LEU B 366 -10.61 31.20 -22.23
CA LEU B 366 -11.62 31.22 -21.13
C LEU B 366 -12.03 32.67 -20.83
N GLY B 367 -11.23 33.65 -21.25
CA GLY B 367 -11.46 35.08 -21.01
C GLY B 367 -11.20 35.45 -19.57
N PHE B 368 -9.94 35.78 -19.25
CA PHE B 368 -9.41 35.93 -17.87
C PHE B 368 -9.00 37.39 -17.61
N ASP B 369 -9.18 37.83 -16.35
CA ASP B 369 -8.61 39.09 -15.81
C ASP B 369 -7.09 39.06 -16.01
N ALA B 370 -6.49 40.21 -16.34
CA ALA B 370 -5.02 40.40 -16.37
C ALA B 370 -4.51 40.47 -14.91
N ALA B 371 -3.19 40.43 -14.74
CA ALA B 371 -2.49 40.48 -13.43
C ALA B 371 -2.88 39.28 -12.56
N ASN B 372 -3.02 38.09 -13.17
CA ASN B 372 -3.12 36.78 -12.49
C ASN B 372 -2.30 35.77 -13.31
N ARG B 373 -1.09 36.17 -13.72
CA ARG B 373 -0.25 35.46 -14.72
C ARG B 373 0.85 34.65 -14.04
N GLU B 374 1.03 34.78 -12.72
CA GLU B 374 1.95 33.94 -11.93
C GLU B 374 1.38 32.52 -11.86
N VAL B 375 2.20 31.51 -12.16
CA VAL B 375 1.82 30.07 -12.19
C VAL B 375 2.03 29.49 -10.78
N SER B 376 0.94 29.28 -10.04
CA SER B 376 0.94 28.75 -8.65
C SER B 376 0.88 27.23 -8.66
N PRO B 377 1.56 26.54 -7.72
CA PRO B 377 1.30 25.13 -7.46
C PRO B 377 -0.21 24.86 -7.30
N ARG B 378 -0.88 25.65 -6.48
CA ARG B 378 -2.34 25.59 -6.17
C ARG B 378 -3.13 25.38 -7.47
N ASN B 379 -2.98 26.29 -8.43
CA ASN B 379 -3.80 26.38 -9.66
C ASN B 379 -3.44 25.23 -10.62
N VAL B 380 -2.18 24.80 -10.66
CA VAL B 380 -1.72 23.67 -11.53
C VAL B 380 -2.33 22.37 -10.99
N LEU B 381 -2.23 22.13 -9.68
CA LEU B 381 -2.67 20.86 -9.04
C LEU B 381 -4.21 20.83 -8.92
N ALA B 382 -4.86 21.98 -8.65
CA ALA B 382 -6.32 22.08 -8.41
C ALA B 382 -7.10 22.03 -9.73
N HIS B 383 -6.48 22.42 -10.86
CA HIS B 383 -7.14 22.48 -12.20
C HIS B 383 -6.60 21.37 -13.12
N ALA B 384 -6.34 20.18 -12.57
CA ALA B 384 -5.95 18.96 -13.32
C ALA B 384 -4.80 19.26 -14.29
N GLY B 385 -3.88 20.15 -13.90
CA GLY B 385 -2.69 20.52 -14.69
C GLY B 385 -3.01 21.44 -15.85
N LEU B 386 -4.27 21.87 -16.01
CA LEU B 386 -4.74 22.71 -17.15
C LEU B 386 -4.84 24.17 -16.70
N GLU B 387 -3.73 24.71 -16.19
CA GLU B 387 -3.63 26.11 -15.67
C GLU B 387 -3.59 27.06 -16.87
N ALA B 388 -4.22 28.23 -16.73
CA ALA B 388 -4.60 29.15 -17.84
C ALA B 388 -3.38 29.83 -18.46
N ASN B 389 -2.23 29.85 -17.77
CA ASN B 389 -1.01 30.59 -18.17
C ASN B 389 0.01 29.65 -18.83
N VAL B 390 -0.21 28.33 -18.77
CA VAL B 390 0.78 27.31 -19.23
C VAL B 390 0.24 26.49 -20.40
N VAL B 391 -1.07 26.54 -20.68
CA VAL B 391 -1.74 25.73 -21.73
C VAL B 391 -2.10 26.63 -22.93
N GLU B 392 -1.87 26.12 -24.14
CA GLU B 392 -2.27 26.73 -25.44
C GLU B 392 -3.39 25.88 -26.06
N VAL B 393 -4.47 26.52 -26.52
CA VAL B 393 -5.64 25.86 -27.16
C VAL B 393 -5.59 26.12 -28.66
N SER B 394 -6.05 25.15 -29.46
CA SER B 394 -6.34 25.28 -30.91
C SER B 394 -7.66 24.56 -31.22
N MET B 395 -8.53 25.20 -32.00
CA MET B 395 -9.75 24.58 -32.59
C MET B 395 -9.56 24.51 -34.10
N GLU B 396 -9.46 23.30 -34.66
CA GLU B 396 -9.41 23.08 -36.14
C GLU B 396 -10.78 23.45 -36.72
N ALA B 397 -10.84 24.52 -37.52
CA ALA B 397 -12.08 25.09 -38.11
C ALA B 397 -12.88 23.98 -38.80
N TRP B 398 -14.21 23.97 -38.62
CA TRP B 398 -15.11 22.94 -39.21
C TRP B 398 -16.52 23.51 -39.39
N GLU B 399 -17.29 22.95 -40.34
CA GLU B 399 -18.72 23.28 -40.59
C GLU B 399 -19.58 22.56 -39.56
N PRO B 400 -19.99 23.23 -38.44
CA PRO B 400 -20.69 22.54 -37.37
C PRO B 400 -22.16 22.24 -37.71
N LYS B 401 -22.70 21.16 -37.14
CA LYS B 401 -24.12 20.75 -37.22
C LYS B 401 -24.66 20.54 -35.81
N ARG B 402 -23.92 19.78 -34.99
CA ARG B 402 -24.14 19.65 -33.52
C ARG B 402 -22.82 19.89 -32.80
N PRO B 403 -22.48 21.17 -32.49
CA PRO B 403 -21.21 21.52 -31.86
C PRO B 403 -20.94 20.83 -30.51
N GLU B 404 -22.01 20.48 -29.77
CA GLU B 404 -21.93 19.91 -28.40
C GLU B 404 -21.21 18.55 -28.46
N GLU B 405 -21.28 17.86 -29.60
CA GLU B 405 -20.65 16.53 -29.85
C GLU B 405 -19.32 16.73 -30.57
N GLU B 406 -19.26 17.65 -31.52
CA GLU B 406 -18.11 17.87 -32.46
C GLU B 406 -16.96 18.56 -31.73
N ALA B 407 -17.24 19.58 -30.92
CA ALA B 407 -16.24 20.50 -30.32
C ALA B 407 -15.14 19.72 -29.60
N GLY B 408 -15.49 18.62 -28.91
CA GLY B 408 -14.56 17.77 -28.15
C GLY B 408 -13.44 17.21 -29.00
N ARG B 409 -13.73 16.81 -30.24
CA ARG B 409 -12.76 16.15 -31.17
C ARG B 409 -11.87 17.21 -31.82
N HIS B 410 -12.40 18.42 -32.03
CA HIS B 410 -11.77 19.50 -32.85
C HIS B 410 -11.03 20.51 -31.97
N THR B 411 -11.07 20.35 -30.63
CA THR B 411 -10.41 21.26 -29.66
C THR B 411 -9.20 20.56 -29.05
N HIS B 412 -7.98 21.05 -29.34
CA HIS B 412 -6.67 20.45 -28.98
C HIS B 412 -5.95 21.31 -27.94
N LEU B 413 -5.37 20.67 -26.91
CA LEU B 413 -4.56 21.34 -25.85
C LEU B 413 -3.11 20.86 -25.92
N LYS B 414 -2.17 21.76 -25.64
CA LYS B 414 -0.74 21.45 -25.37
C LYS B 414 -0.17 22.53 -24.44
N TYR B 415 0.89 22.21 -23.69
CA TYR B 415 1.64 23.16 -22.84
C TYR B 415 2.55 24.01 -23.74
N THR B 416 2.66 25.31 -23.44
CA THR B 416 3.68 26.21 -24.03
C THR B 416 5.05 25.72 -23.58
N PRO B 417 6.13 25.85 -24.39
CA PRO B 417 7.46 25.41 -23.97
C PRO B 417 7.89 26.01 -22.62
N VAL B 418 7.54 27.28 -22.35
CA VAL B 418 7.78 27.95 -21.04
C VAL B 418 6.90 27.29 -19.98
N GLY B 419 5.61 27.11 -20.27
CA GLY B 419 4.60 26.54 -19.35
C GLY B 419 4.97 25.15 -18.89
N LEU B 420 5.40 24.28 -19.81
CA LEU B 420 5.72 22.86 -19.54
C LEU B 420 6.82 22.76 -18.48
N LYS B 421 7.80 23.67 -18.50
CA LYS B 421 8.96 23.69 -17.57
C LYS B 421 8.50 24.13 -16.18
N LYS B 422 7.61 25.13 -16.11
CA LYS B 422 7.00 25.63 -14.84
C LYS B 422 6.22 24.49 -14.18
N VAL B 423 5.44 23.75 -14.98
CA VAL B 423 4.60 22.61 -14.53
C VAL B 423 5.50 21.47 -14.02
N GLU B 424 6.54 21.12 -14.80
CA GLU B 424 7.55 20.10 -14.43
C GLU B 424 8.12 20.44 -13.04
N ASP B 425 8.57 21.69 -12.85
CA ASP B 425 9.16 22.20 -11.58
C ASP B 425 8.14 22.03 -10.44
N ILE B 426 6.90 22.45 -10.67
CA ILE B 426 5.80 22.46 -9.65
C ILE B 426 5.45 21.02 -9.25
N VAL B 427 5.21 20.15 -10.24
CA VAL B 427 4.79 18.74 -10.04
C VAL B 427 5.95 17.97 -9.40
N SER B 428 7.18 18.14 -9.91
CA SER B 428 8.41 17.51 -9.40
C SER B 428 8.60 17.84 -7.92
N ARG B 429 8.41 19.11 -7.55
CA ARG B 429 8.56 19.61 -6.16
C ARG B 429 7.44 19.05 -5.27
N ALA B 430 6.21 18.99 -5.80
CA ALA B 430 5.01 18.46 -5.10
C ALA B 430 5.21 16.97 -4.77
N LEU B 431 5.89 16.24 -5.66
CA LEU B 431 6.19 14.79 -5.51
C LEU B 431 7.24 14.57 -4.41
N LYS B 432 8.23 15.46 -4.31
CA LYS B 432 9.33 15.38 -3.32
C LYS B 432 8.78 15.71 -1.92
N GLU B 433 7.99 16.78 -1.81
CA GLU B 433 7.25 17.15 -0.57
C GLU B 433 6.10 16.15 -0.35
N SER B 434 5.77 15.37 -1.38
CA SER B 434 4.92 14.15 -1.32
C SER B 434 3.46 14.53 -1.01
#